data_3LBW
# 
_entry.id   3LBW 
# 
_audit_conform.dict_name       mmcif_pdbx.dic 
_audit_conform.dict_version    5.378 
_audit_conform.dict_location   http://mmcif.pdb.org/dictionaries/ascii/mmcif_pdbx.dic 
# 
loop_
_database_2.database_id 
_database_2.database_code 
_database_2.pdbx_database_accession 
_database_2.pdbx_DOI 
PDB   3LBW         pdb_00003lbw 10.2210/pdb3lbw/pdb 
RCSB  RCSB057086   ?            ?                   
WWPDB D_1000057086 ?            ?                   
# 
_pdbx_database_status.status_code                     REL 
_pdbx_database_status.entry_id                        3LBW 
_pdbx_database_status.recvd_initial_deposition_date   2010-01-08 
_pdbx_database_status.deposit_site                    RCSB 
_pdbx_database_status.process_site                    RCSB 
_pdbx_database_status.status_code_sf                  REL 
_pdbx_database_status.status_code_mr                  ? 
_pdbx_database_status.SG_entry                        ? 
_pdbx_database_status.status_code_cs                  ? 
_pdbx_database_status.pdb_format_compatible           Y 
_pdbx_database_status.status_code_nmr_data            ? 
_pdbx_database_status.methods_development_category    ? 
# 
loop_
_audit_author.name 
_audit_author.pdbx_ordinal 
'Acharya, R.'      1 
'Polishchuk, A.L.' 2 
'DeGrado, W.F.'    3 
# 
_citation.id                        primary 
_citation.title                     
'Structure and mechanism of proton transport through the transmembrane tetrameric M2 protein bundle of the influenza A virus.' 
_citation.journal_abbrev            Proc.Natl.Acad.Sci.USA 
_citation.journal_volume            107 
_citation.page_first                15075 
_citation.page_last                 15080 
_citation.year                      2010 
_citation.journal_id_ASTM           PNASA6 
_citation.country                   US 
_citation.journal_id_ISSN           0027-8424 
_citation.journal_id_CSD            0040 
_citation.book_publisher            ? 
_citation.pdbx_database_id_PubMed   20689043 
_citation.pdbx_database_id_DOI      10.1073/pnas.1007071107 
# 
loop_
_citation_author.citation_id 
_citation_author.name 
_citation_author.ordinal 
_citation_author.identifier_ORCID 
primary 'Acharya, R.'      1  ? 
primary 'Carnevale, V.'    2  ? 
primary 'Fiorin, G.'       3  ? 
primary 'Levine, B.G.'     4  ? 
primary 'Polishchuk, A.L.' 5  ? 
primary 'Balannik, V.'     6  ? 
primary 'Samish, I.'       7  ? 
primary 'Lamb, R.A.'       8  ? 
primary 'Pinto, L.H.'      9  ? 
primary 'DeGrado, W.F.'    10 ? 
primary 'Klein, M.L.'      11 ? 
# 
_cell.entry_id           3LBW 
_cell.length_a           48.665 
_cell.length_b           79.091 
_cell.length_c           48.559 
_cell.angle_alpha        90.00 
_cell.angle_beta         90.00 
_cell.angle_gamma        90.00 
_cell.Z_PDB              32 
_cell.pdbx_unique_axis   ? 
_cell.length_a_esd       ? 
_cell.length_b_esd       ? 
_cell.length_c_esd       ? 
_cell.angle_alpha_esd    ? 
_cell.angle_beta_esd     ? 
_cell.angle_gamma_esd    ? 
# 
_symmetry.entry_id                         3LBW 
_symmetry.space_group_name_H-M             'C 2 2 21' 
_symmetry.pdbx_full_space_group_name_H-M   ? 
_symmetry.cell_setting                     ? 
_symmetry.Int_Tables_number                20 
_symmetry.space_group_name_Hall            ? 
# 
loop_
_entity.id 
_entity.type 
_entity.src_method 
_entity.pdbx_description 
_entity.formula_weight 
_entity.pdbx_number_of_molecules 
_entity.pdbx_ec 
_entity.pdbx_mutation 
_entity.pdbx_fragment 
_entity.details 
1 polymer     syn 'M2 protein'            2453.085 4  ? G34A 'Transmembrane domain, residues 25-46' ? 
2 non-polymer syn '4-bromobenzoic acid'   201.017  4  ? ?    ?                                      ? 
3 non-polymer syn 'DI(HYDROXYETHYL)ETHER' 106.120  3  ? ?    ?                                      ? 
4 non-polymer man Xylitol                 152.146  1  ? ?    ?                                      ? 
5 water       nat water                   18.015   23 ? ?    ?                                      ? 
# 
_entity_poly.entity_id                      1 
_entity_poly.type                           'polypeptide(L)' 
_entity_poly.nstd_linkage                   no 
_entity_poly.nstd_monomer                   yes 
_entity_poly.pdbx_seq_one_letter_code       'PLVVAASIIAILHLILWILDRL(NH2)' 
_entity_poly.pdbx_seq_one_letter_code_can   PLVVAASIIAILHLILWILDRLX 
_entity_poly.pdbx_strand_id                 A,B,C,D 
_entity_poly.pdbx_target_identifier         ? 
# 
loop_
_entity_poly_seq.entity_id 
_entity_poly_seq.num 
_entity_poly_seq.mon_id 
_entity_poly_seq.hetero 
1 1  PRO n 
1 2  LEU n 
1 3  VAL n 
1 4  VAL n 
1 5  ALA n 
1 6  ALA n 
1 7  SER n 
1 8  ILE n 
1 9  ILE n 
1 10 ALA n 
1 11 ILE n 
1 12 LEU n 
1 13 HIS n 
1 14 LEU n 
1 15 ILE n 
1 16 LEU n 
1 17 TRP n 
1 18 ILE n 
1 19 LEU n 
1 20 ASP n 
1 21 ARG n 
1 22 LEU n 
1 23 NH2 n 
# 
_pdbx_entity_src_syn.entity_id              1 
_pdbx_entity_src_syn.pdbx_src_id            1 
_pdbx_entity_src_syn.pdbx_alt_source_flag   sample 
_pdbx_entity_src_syn.pdbx_beg_seq_num       ? 
_pdbx_entity_src_syn.pdbx_end_seq_num       ? 
_pdbx_entity_src_syn.organism_scientific    'influenza A virus' 
_pdbx_entity_src_syn.organism_common_name   ? 
_pdbx_entity_src_syn.ncbi_taxonomy_id       119210 
_pdbx_entity_src_syn.details                ? 
# 
_struct_ref.id                         1 
_struct_ref.db_name                    UNP 
_struct_ref.db_code                    Q9YP62_9INFA 
_struct_ref.pdbx_db_accession          Q9YP62 
_struct_ref.entity_id                  1 
_struct_ref.pdbx_seq_one_letter_code   PLVVAASIIGILHLILWILDRL 
_struct_ref.pdbx_align_begin           25 
_struct_ref.pdbx_db_isoform            ? 
# 
loop_
_struct_ref_seq.align_id 
_struct_ref_seq.ref_id 
_struct_ref_seq.pdbx_PDB_id_code 
_struct_ref_seq.pdbx_strand_id 
_struct_ref_seq.seq_align_beg 
_struct_ref_seq.pdbx_seq_align_beg_ins_code 
_struct_ref_seq.seq_align_end 
_struct_ref_seq.pdbx_seq_align_end_ins_code 
_struct_ref_seq.pdbx_db_accession 
_struct_ref_seq.db_align_beg 
_struct_ref_seq.pdbx_db_align_beg_ins_code 
_struct_ref_seq.db_align_end 
_struct_ref_seq.pdbx_db_align_end_ins_code 
_struct_ref_seq.pdbx_auth_seq_align_beg 
_struct_ref_seq.pdbx_auth_seq_align_end 
1 1 3LBW A 1 ? 22 ? Q9YP62 25 ? 46 ? 25 46 
2 1 3LBW B 1 ? 22 ? Q9YP62 25 ? 46 ? 25 46 
3 1 3LBW C 1 ? 22 ? Q9YP62 25 ? 46 ? 25 46 
4 1 3LBW D 1 ? 22 ? Q9YP62 25 ? 46 ? 25 46 
# 
loop_
_struct_ref_seq_dif.align_id 
_struct_ref_seq_dif.pdbx_pdb_id_code 
_struct_ref_seq_dif.mon_id 
_struct_ref_seq_dif.pdbx_pdb_strand_id 
_struct_ref_seq_dif.seq_num 
_struct_ref_seq_dif.pdbx_pdb_ins_code 
_struct_ref_seq_dif.pdbx_seq_db_name 
_struct_ref_seq_dif.pdbx_seq_db_accession_code 
_struct_ref_seq_dif.db_mon_id 
_struct_ref_seq_dif.pdbx_seq_db_seq_num 
_struct_ref_seq_dif.details 
_struct_ref_seq_dif.pdbx_auth_seq_num 
_struct_ref_seq_dif.pdbx_ordinal 
1 3LBW ALA A 10 ? UNP Q9YP62 GLY 34 'engineered mutation' 34 1 
1 3LBW NH2 A 23 ? UNP Q9YP62 ?   ?  amidation             47 2 
2 3LBW ALA B 10 ? UNP Q9YP62 GLY 34 'engineered mutation' 34 3 
2 3LBW NH2 B 23 ? UNP Q9YP62 ?   ?  amidation             47 4 
3 3LBW ALA C 10 ? UNP Q9YP62 GLY 34 'engineered mutation' 34 5 
3 3LBW NH2 C 23 ? UNP Q9YP62 ?   ?  amidation             47 6 
4 3LBW ALA D 10 ? UNP Q9YP62 GLY 34 'engineered mutation' 34 7 
4 3LBW NH2 D 23 ? UNP Q9YP62 ?   ?  amidation             47 8 
# 
loop_
_chem_comp.id 
_chem_comp.type 
_chem_comp.mon_nstd_flag 
_chem_comp.name 
_chem_comp.pdbx_synonyms 
_chem_comp.formula 
_chem_comp.formula_weight 
ALA 'L-peptide linking' y ALANINE                 ?         'C3 H7 N O2'     89.093  
ARG 'L-peptide linking' y ARGININE                ?         'C6 H15 N4 O2 1' 175.209 
ASP 'L-peptide linking' y 'ASPARTIC ACID'         ?         'C4 H7 N O4'     133.103 
GLY 'peptide linking'   y GLYCINE                 ?         'C2 H5 N O2'     75.067  
HIS 'L-peptide linking' y HISTIDINE               ?         'C6 H10 N3 O2 1' 156.162 
HOH non-polymer         . WATER                   ?         'H2 O'           18.015  
ILE 'L-peptide linking' y ISOLEUCINE              ?         'C6 H13 N O2'    131.173 
LEU 'L-peptide linking' y LEUCINE                 ?         'C6 H13 N O2'    131.173 
NH2 non-polymer         . 'AMINO GROUP'           ?         'H2 N'           16.023  
PEG non-polymer         . 'DI(HYDROXYETHYL)ETHER' ?         'C4 H10 O3'      106.120 
PRO 'L-peptide linking' y PROLINE                 ?         'C5 H9 N O2'     115.130 
SER 'L-peptide linking' y SERINE                  ?         'C3 H7 N O3'     105.093 
TRP 'L-peptide linking' y TRYPTOPHAN              ?         'C11 H12 N2 O2'  204.225 
VAL 'L-peptide linking' y VALINE                  ?         'C5 H11 N O2'    117.146 
XYL D-saccharide        . Xylitol                 D-Xylitol 'C5 H12 O5'      152.146 
Z82 non-polymer         . '4-bromobenzoic acid'   ?         'C7 H5 Br O2'    201.017 
# 
_exptl.entry_id          3LBW 
_exptl.method            'X-RAY DIFFRACTION' 
_exptl.crystals_number   1 
# 
_exptl_crystal.id                    1 
_exptl_crystal.density_meas          ? 
_exptl_crystal.density_Matthews      2.38 
_exptl_crystal.density_percent_sol   48.34 
_exptl_crystal.description           ? 
_exptl_crystal.F_000                 ? 
_exptl_crystal.preparation           ? 
# 
_exptl_crystal_grow.crystal_id      1 
_exptl_crystal_grow.method          'VAPOR DIFFUSION, HANGING DROP' 
_exptl_crystal_grow.temp            ? 
_exptl_crystal_grow.temp_details    ? 
_exptl_crystal_grow.pH              6.5 
_exptl_crystal_grow.pdbx_details    
;Protein solution: 0.8mM M2TM (25-46) peptide (as monomer),28mM Octyl-beta-D-Glucopyranosie and 5% xylitol. Reservoir solution: 95% [100mM sodium citrate pH 5.6, 150mM tri-sodium citrate, 15% v/v isopropanol] and 5% [0.2M MgCl2 6H20, 0.1M Tris-Hcl pH 8.5, 30% w/v PEG 4000], VAPOR DIFFUSION, HANGING DROP
;
_exptl_crystal_grow.pdbx_pH_range   ? 
# 
_diffrn.id                     1 
_diffrn.ambient_temp           100 
_diffrn.ambient_temp_details   ? 
_diffrn.crystal_id             1 
# 
_diffrn_detector.diffrn_id              1 
_diffrn_detector.detector               CCD 
_diffrn_detector.type                   'ADSC QUANTUM 210' 
_diffrn_detector.pdbx_collection_date   2008-04-25 
_diffrn_detector.details                ? 
# 
_diffrn_radiation.diffrn_id                        1 
_diffrn_radiation.wavelength_id                    1 
_diffrn_radiation.pdbx_monochromatic_or_laue_m_l   M 
_diffrn_radiation.monochromator                    'Monochromator: Si(111) channel cut monochromator' 
_diffrn_radiation.pdbx_diffrn_protocol             'SINGLE WAVELENGTH' 
_diffrn_radiation.pdbx_scattering_type             x-ray 
# 
_diffrn_radiation_wavelength.id           1 
_diffrn_radiation_wavelength.wavelength   0.91910 
_diffrn_radiation_wavelength.wt           1.0 
# 
_diffrn_source.diffrn_id                   1 
_diffrn_source.source                      SYNCHROTRON 
_diffrn_source.type                        'NSLS BEAMLINE X6A' 
_diffrn_source.pdbx_synchrotron_site       NSLS 
_diffrn_source.pdbx_synchrotron_beamline   X6A 
_diffrn_source.pdbx_wavelength             ? 
_diffrn_source.pdbx_wavelength_list        0.91910 
# 
_reflns.entry_id                     3LBW 
_reflns.observed_criterion_sigma_I   1.0 
_reflns.observed_criterion_sigma_F   1.0 
_reflns.d_resolution_low             48.56 
_reflns.d_resolution_high            1.65 
_reflns.number_obs                   11509 
_reflns.number_all                   11567 
_reflns.percent_possible_obs         99.5 
_reflns.pdbx_Rmerge_I_obs            0.070 
_reflns.pdbx_Rsym_value              ? 
_reflns.pdbx_netI_over_sigmaI        19.4 
_reflns.B_iso_Wilson_estimate        15.278 
_reflns.pdbx_redundancy              6.6 
_reflns.R_free_details               ? 
_reflns.limit_h_max                  ? 
_reflns.limit_h_min                  ? 
_reflns.limit_k_max                  ? 
_reflns.limit_k_min                  ? 
_reflns.limit_l_max                  ? 
_reflns.limit_l_min                  ? 
_reflns.observed_criterion_F_max     ? 
_reflns.observed_criterion_F_min     ? 
_reflns.pdbx_chi_squared             ? 
_reflns.pdbx_scaling_rejects         ? 
_reflns.pdbx_ordinal                 1 
_reflns.pdbx_diffrn_id               1 
# 
_reflns_shell.d_res_high             1.65 
_reflns_shell.d_res_low              1.74 
_reflns_shell.percent_possible_all   96.6 
_reflns_shell.Rmerge_I_obs           0.447 
_reflns_shell.pdbx_Rsym_value        ? 
_reflns_shell.meanI_over_sigI_obs    2.7 
_reflns_shell.pdbx_redundancy        4.5 
_reflns_shell.percent_possible_obs   ? 
_reflns_shell.number_unique_all      1599 
_reflns_shell.number_measured_all    ? 
_reflns_shell.number_measured_obs    ? 
_reflns_shell.number_unique_obs      ? 
_reflns_shell.pdbx_chi_squared       ? 
_reflns_shell.pdbx_ordinal           1 
_reflns_shell.pdbx_diffrn_id         1 
# 
_refine.entry_id                                 3LBW 
_refine.ls_number_reflns_obs                     10998 
_refine.ls_number_reflns_all                     10998 
_refine.pdbx_ls_sigma_I                          ? 
_refine.pdbx_ls_sigma_F                          0.0 
_refine.pdbx_data_cutoff_high_absF               ? 
_refine.pdbx_data_cutoff_low_absF                ? 
_refine.pdbx_data_cutoff_high_rms_absF           ? 
_refine.ls_d_res_low                             31.53 
_refine.ls_d_res_high                            1.65 
_refine.ls_percent_reflns_obs                    100.00 
_refine.ls_R_factor_obs                          0.19664 
_refine.ls_R_factor_all                          0.207 
_refine.ls_R_factor_R_work                       0.19621 
_refine.ls_R_factor_R_free                       0.20529 
_refine.ls_R_factor_R_free_error                 ? 
_refine.ls_R_factor_R_free_error_details         ? 
_refine.ls_percent_reflns_R_free                 4.8 
_refine.ls_number_reflns_R_free                  554 
_refine.ls_number_parameters                     ? 
_refine.ls_number_restraints                     ? 
_refine.occupancy_min                            ? 
_refine.occupancy_max                            ? 
_refine.correlation_coeff_Fo_to_Fc               0.947 
_refine.correlation_coeff_Fo_to_Fc_free          0.945 
_refine.B_iso_mean                               15.431 
_refine.aniso_B[1][1]                            -0.16 
_refine.aniso_B[2][2]                            0.14 
_refine.aniso_B[3][3]                            0.02 
_refine.aniso_B[1][2]                            0.00 
_refine.aniso_B[1][3]                            0.00 
_refine.aniso_B[2][3]                            0.00 
_refine.solvent_model_details                    MASK 
_refine.solvent_model_param_ksol                 ? 
_refine.solvent_model_param_bsol                 ? 
_refine.pdbx_solvent_vdw_probe_radii             1.20 
_refine.pdbx_solvent_ion_probe_radii             0.80 
_refine.pdbx_solvent_shrinkage_radii             0.80 
_refine.pdbx_ls_cross_valid_method               THROUGHOUT 
_refine.details                                  ? 
_refine.pdbx_starting_model                      '3BKD, chain A' 
_refine.pdbx_method_to_determine_struct          'MOLECULAR REPLACEMENT' 
_refine.pdbx_isotropic_thermal_model             ? 
_refine.pdbx_stereochemistry_target_values       'MAXIMUM LIKELIHOOD' 
_refine.pdbx_stereochem_target_val_spec_case     ? 
_refine.pdbx_R_Free_selection_details            RANDOM 
_refine.pdbx_overall_ESU_R                       0.104 
_refine.pdbx_overall_ESU_R_Free                  0.092 
_refine.overall_SU_ML                            0.056 
_refine.overall_SU_B                             1.665 
_refine.ls_redundancy_reflns_obs                 ? 
_refine.B_iso_min                                ? 
_refine.B_iso_max                                ? 
_refine.overall_SU_R_Cruickshank_DPI             ? 
_refine.overall_SU_R_free                        ? 
_refine.ls_wR_factor_R_free                      ? 
_refine.ls_wR_factor_R_work                      ? 
_refine.overall_FOM_free_R_set                   ? 
_refine.overall_FOM_work_R_set                   ? 
_refine.pdbx_overall_phase_error                 ? 
_refine.pdbx_refine_id                           'X-RAY DIFFRACTION' 
_refine.pdbx_diffrn_id                           1 
_refine.pdbx_TLS_residual_ADP_flag               ? 
_refine.pdbx_overall_SU_R_free_Cruickshank_DPI   ? 
_refine.pdbx_overall_SU_R_Blow_DPI               ? 
_refine.pdbx_overall_SU_R_free_Blow_DPI          ? 
# 
_refine_hist.pdbx_refine_id                   'X-RAY DIFFRACTION' 
_refine_hist.cycle_id                         LAST 
_refine_hist.pdbx_number_atoms_protein        696 
_refine_hist.pdbx_number_atoms_nucleic_acid   0 
_refine_hist.pdbx_number_atoms_ligand         67 
_refine_hist.number_atoms_solvent             23 
_refine_hist.number_atoms_total               786 
_refine_hist.d_res_high                       1.65 
_refine_hist.d_res_low                        31.53 
# 
loop_
_refine_ls_restr.type 
_refine_ls_restr.dev_ideal 
_refine_ls_restr.dev_ideal_target 
_refine_ls_restr.weight 
_refine_ls_restr.number 
_refine_ls_restr.pdbx_refine_id 
_refine_ls_restr.pdbx_restraint_function 
r_bond_refined_d             0.007  0.022  ? 775  'X-RAY DIFFRACTION' ? 
r_bond_other_d               ?      ?      ? ?    'X-RAY DIFFRACTION' ? 
r_angle_refined_deg          0.866  2.051  ? 1034 'X-RAY DIFFRACTION' ? 
r_angle_other_deg            ?      ?      ? ?    'X-RAY DIFFRACTION' ? 
r_dihedral_angle_1_deg       2.858  5.000  ? 84   'X-RAY DIFFRACTION' ? 
r_dihedral_angle_2_deg       53.922 20.000 ? 16   'X-RAY DIFFRACTION' ? 
r_dihedral_angle_3_deg       11.004 15.000 ? 124  'X-RAY DIFFRACTION' ? 
r_dihedral_angle_4_deg       19.336 15.000 ? 4    'X-RAY DIFFRACTION' ? 
r_chiral_restr               0.054  0.200  ? 143  'X-RAY DIFFRACTION' ? 
r_gen_planes_refined         0.003  0.020  ? 468  'X-RAY DIFFRACTION' ? 
r_gen_planes_other           ?      ?      ? ?    'X-RAY DIFFRACTION' ? 
r_nbd_refined                ?      ?      ? ?    'X-RAY DIFFRACTION' ? 
r_nbd_other                  ?      ?      ? ?    'X-RAY DIFFRACTION' ? 
r_nbtor_refined              ?      ?      ? ?    'X-RAY DIFFRACTION' ? 
r_nbtor_other                ?      ?      ? ?    'X-RAY DIFFRACTION' ? 
r_xyhbond_nbd_refined        ?      ?      ? ?    'X-RAY DIFFRACTION' ? 
r_xyhbond_nbd_other          ?      ?      ? ?    'X-RAY DIFFRACTION' ? 
r_metal_ion_refined          ?      ?      ? ?    'X-RAY DIFFRACTION' ? 
r_metal_ion_other            ?      ?      ? ?    'X-RAY DIFFRACTION' ? 
r_symmetry_vdw_refined       ?      ?      ? ?    'X-RAY DIFFRACTION' ? 
r_symmetry_vdw_other         ?      ?      ? ?    'X-RAY DIFFRACTION' ? 
r_symmetry_hbond_refined     ?      ?      ? ?    'X-RAY DIFFRACTION' ? 
r_symmetry_hbond_other       ?      ?      ? ?    'X-RAY DIFFRACTION' ? 
r_symmetry_metal_ion_refined ?      ?      ? ?    'X-RAY DIFFRACTION' ? 
r_symmetry_metal_ion_other   ?      ?      ? ?    'X-RAY DIFFRACTION' ? 
r_mcbond_it                  0.455  1.500  ? 448  'X-RAY DIFFRACTION' ? 
r_mcbond_other               ?      ?      ? ?    'X-RAY DIFFRACTION' ? 
r_mcangle_it                 0.806  2.000  ? 716  'X-RAY DIFFRACTION' ? 
r_scbond_it                  1.229  3.000  ? 327  'X-RAY DIFFRACTION' ? 
r_scangle_it                 2.043  4.500  ? 318  'X-RAY DIFFRACTION' ? 
r_rigid_bond_restr           ?      ?      ? ?    'X-RAY DIFFRACTION' ? 
r_sphericity_free            ?      ?      ? ?    'X-RAY DIFFRACTION' ? 
r_sphericity_bonded          ?      ?      ? ?    'X-RAY DIFFRACTION' ? 
# 
_refine_ls_shell.pdbx_total_number_of_bins_used   20 
_refine_ls_shell.d_res_high                       1.650 
_refine_ls_shell.d_res_low                        1.693 
_refine_ls_shell.number_reflns_R_work             750 
_refine_ls_shell.R_factor_R_work                  0.284 
_refine_ls_shell.percent_reflns_obs               100.00 
_refine_ls_shell.R_factor_R_free                  0.265 
_refine_ls_shell.R_factor_R_free_error            ? 
_refine_ls_shell.percent_reflns_R_free            ? 
_refine_ls_shell.number_reflns_R_free             38 
_refine_ls_shell.number_reflns_all                ? 
_refine_ls_shell.R_factor_all                     ? 
_refine_ls_shell.number_reflns_obs                ? 
_refine_ls_shell.redundancy_reflns_obs            ? 
_refine_ls_shell.pdbx_refine_id                   'X-RAY DIFFRACTION' 
# 
_struct.entry_id                  3LBW 
_struct.title                     'High resolution crystal structure of transmembrane domain of M2' 
_struct.pdbx_model_details        ? 
_struct.pdbx_CASP_flag            ? 
_struct.pdbx_model_type_details   ? 
# 
_struct_keywords.entry_id        3LBW 
_struct_keywords.pdbx_keywords   'TRANSPORT PROTEIN' 
_struct_keywords.text            
;Proton channel, M2TM, Influenza A virus M2 protein, Host cell membrane, Hydrogen ion transport, Ionic channel, Transmembrane, Virion, TRANSPORT PROTEIN
;
# 
loop_
_struct_asym.id 
_struct_asym.pdbx_blank_PDB_chainid_flag 
_struct_asym.pdbx_modified 
_struct_asym.entity_id 
_struct_asym.details 
A N N 1 ? 
B N N 1 ? 
C N N 1 ? 
D N N 1 ? 
E N N 2 ? 
F N N 3 ? 
G N N 2 ? 
H N N 4 ? 
I N N 2 ? 
J N N 3 ? 
K N N 3 ? 
L N N 2 ? 
M N N 5 ? 
N N N 5 ? 
O N N 5 ? 
P N N 5 ? 
# 
_struct_biol.id        1 
_struct_biol.details   ? 
# 
loop_
_struct_conf.conf_type_id 
_struct_conf.id 
_struct_conf.pdbx_PDB_helix_id 
_struct_conf.beg_label_comp_id 
_struct_conf.beg_label_asym_id 
_struct_conf.beg_label_seq_id 
_struct_conf.pdbx_beg_PDB_ins_code 
_struct_conf.end_label_comp_id 
_struct_conf.end_label_asym_id 
_struct_conf.end_label_seq_id 
_struct_conf.pdbx_end_PDB_ins_code 
_struct_conf.beg_auth_comp_id 
_struct_conf.beg_auth_asym_id 
_struct_conf.beg_auth_seq_id 
_struct_conf.end_auth_comp_id 
_struct_conf.end_auth_asym_id 
_struct_conf.end_auth_seq_id 
_struct_conf.pdbx_PDB_helix_class 
_struct_conf.details 
_struct_conf.pdbx_PDB_helix_length 
HELX_P HELX_P1 1 PRO A 1 ? LEU A 22 ? PRO A 25 LEU A 46 1 ? 22 
HELX_P HELX_P2 2 PRO B 1 ? LEU B 22 ? PRO B 25 LEU B 46 1 ? 22 
HELX_P HELX_P3 3 PRO C 1 ? LEU C 22 ? PRO C 25 LEU C 46 1 ? 22 
HELX_P HELX_P4 4 PRO D 1 ? LEU D 22 ? PRO D 25 LEU D 46 1 ? 22 
# 
_struct_conf_type.id          HELX_P 
_struct_conf_type.criteria    ? 
_struct_conf_type.reference   ? 
# 
loop_
_struct_conn.id 
_struct_conn.conn_type_id 
_struct_conn.pdbx_leaving_atom_flag 
_struct_conn.pdbx_PDB_id 
_struct_conn.ptnr1_label_asym_id 
_struct_conn.ptnr1_label_comp_id 
_struct_conn.ptnr1_label_seq_id 
_struct_conn.ptnr1_label_atom_id 
_struct_conn.pdbx_ptnr1_label_alt_id 
_struct_conn.pdbx_ptnr1_PDB_ins_code 
_struct_conn.pdbx_ptnr1_standard_comp_id 
_struct_conn.ptnr1_symmetry 
_struct_conn.ptnr2_label_asym_id 
_struct_conn.ptnr2_label_comp_id 
_struct_conn.ptnr2_label_seq_id 
_struct_conn.ptnr2_label_atom_id 
_struct_conn.pdbx_ptnr2_label_alt_id 
_struct_conn.pdbx_ptnr2_PDB_ins_code 
_struct_conn.ptnr1_auth_asym_id 
_struct_conn.ptnr1_auth_comp_id 
_struct_conn.ptnr1_auth_seq_id 
_struct_conn.ptnr2_auth_asym_id 
_struct_conn.ptnr2_auth_comp_id 
_struct_conn.ptnr2_auth_seq_id 
_struct_conn.ptnr2_symmetry 
_struct_conn.pdbx_ptnr3_label_atom_id 
_struct_conn.pdbx_ptnr3_label_seq_id 
_struct_conn.pdbx_ptnr3_label_comp_id 
_struct_conn.pdbx_ptnr3_label_asym_id 
_struct_conn.pdbx_ptnr3_label_alt_id 
_struct_conn.pdbx_ptnr3_PDB_ins_code 
_struct_conn.details 
_struct_conn.pdbx_dist_value 
_struct_conn.pdbx_value_order 
_struct_conn.pdbx_role 
covale1 covale both ? E Z82 .  C7 ? ? ? 1_555 A PRO 1  N ? ? A Z82 24 A PRO 25 1_555 ? ? ? ? ? ? ? 1.346 ? ? 
covale2 covale both ? A LEU 22 C  ? ? ? 1_555 A NH2 23 N ? ? A LEU 46 A NH2 47 1_555 ? ? ? ? ? ? ? 1.326 ? ? 
covale3 covale both ? G Z82 .  C7 ? ? ? 1_555 B PRO 1  N ? ? B Z82 24 B PRO 25 1_555 ? ? ? ? ? ? ? 1.341 ? ? 
covale4 covale both ? B LEU 22 C  ? ? ? 1_555 B NH2 23 N ? ? B LEU 46 B NH2 47 1_555 ? ? ? ? ? ? ? 1.323 ? ? 
covale5 covale both ? I Z82 .  C7 ? ? ? 1_555 C PRO 1  N ? ? C Z82 24 C PRO 25 1_555 ? ? ? ? ? ? ? 1.341 ? ? 
covale6 covale both ? C LEU 22 C  ? ? ? 1_555 C NH2 23 N ? ? C LEU 46 C NH2 47 1_555 ? ? ? ? ? ? ? 1.325 ? ? 
covale7 covale both ? L Z82 .  C7 ? ? ? 1_555 D PRO 1  N ? ? D Z82 24 D PRO 25 1_555 ? ? ? ? ? ? ? 1.346 ? ? 
covale8 covale both ? D LEU 22 C  ? ? ? 1_555 D NH2 23 N ? ? D LEU 46 D NH2 47 1_555 ? ? ? ? ? ? ? 1.315 ? ? 
# 
_struct_conn_type.id          covale 
_struct_conn_type.criteria    ? 
_struct_conn_type.reference   ? 
# 
_atom_sites.entry_id                    3LBW 
_atom_sites.fract_transf_matrix[1][1]   0.00872970 
_atom_sites.fract_transf_matrix[1][2]   0.01261645 
_atom_sites.fract_transf_matrix[1][3]   0.01367037 
_atom_sites.fract_transf_matrix[2][1]   0.00831120 
_atom_sites.fract_transf_matrix[2][2]   -0.00903400 
_atom_sites.fract_transf_matrix[2][3]   0.00303011 
_atom_sites.fract_transf_matrix[3][1]   0.01281885 
_atom_sites.fract_transf_matrix[3][2]   0.00690889 
_atom_sites.fract_transf_matrix[3][3]   -0.01456218 
_atom_sites.fract_transf_vector[1]      -0.222791 
_atom_sites.fract_transf_vector[2]      -0.255087 
_atom_sites.fract_transf_vector[3]      0.029906 
# 
loop_
_atom_type.symbol 
BR 
C  
N  
O  
# 
loop_
_atom_site.group_PDB 
_atom_site.id 
_atom_site.type_symbol 
_atom_site.label_atom_id 
_atom_site.label_alt_id 
_atom_site.label_comp_id 
_atom_site.label_asym_id 
_atom_site.label_entity_id 
_atom_site.label_seq_id 
_atom_site.pdbx_PDB_ins_code 
_atom_site.Cartn_x 
_atom_site.Cartn_y 
_atom_site.Cartn_z 
_atom_site.occupancy 
_atom_site.B_iso_or_equiv 
_atom_site.pdbx_formal_charge 
_atom_site.auth_seq_id 
_atom_site.auth_comp_id 
_atom_site.auth_asym_id 
_atom_site.auth_atom_id 
_atom_site.pdbx_PDB_model_num 
ATOM   1   N  N   . PRO A 1 1  ? 16.748  -4.181  4.624   1.00 19.24 ? 25  PRO A N   1 
ATOM   2   C  CA  . PRO A 1 1  ? 16.394  -2.768  4.747   1.00 18.78 ? 25  PRO A CA  1 
ATOM   3   C  C   . PRO A 1 1  ? 15.273  -2.335  3.801   1.00 18.09 ? 25  PRO A C   1 
ATOM   4   O  O   . PRO A 1 1  ? 14.488  -1.464  4.159   1.00 17.87 ? 25  PRO A O   1 
ATOM   5   C  CB  . PRO A 1 1  ? 17.697  -2.055  4.397   1.00 19.10 ? 25  PRO A CB  1 
ATOM   6   C  CG  . PRO A 1 1  ? 18.744  -2.991  4.875   1.00 19.48 ? 25  PRO A CG  1 
ATOM   7   C  CD  . PRO A 1 1  ? 18.213  -4.357  4.553   1.00 19.58 ? 25  PRO A CD  1 
ATOM   8   N  N   . LEU A 1 2  ? 15.199  -2.944  2.618   1.00 17.09 ? 26  LEU A N   1 
ATOM   9   C  CA  . LEU A 1 2  ? 14.117  -2.647  1.671   1.00 16.35 ? 26  LEU A CA  1 
ATOM   10  C  C   . LEU A 1 2  ? 12.741  -2.970  2.268   1.00 15.74 ? 26  LEU A C   1 
ATOM   11  O  O   . LEU A 1 2  ? 11.782  -2.207  2.094   1.00 15.09 ? 26  LEU A O   1 
ATOM   12  C  CB  . LEU A 1 2  ? 14.322  -3.401  0.349   1.00 16.70 ? 26  LEU A CB  1 
ATOM   13  C  CG  . LEU A 1 2  ? 13.191  -3.348  -0.689  1.00 16.64 ? 26  LEU A CG  1 
ATOM   14  C  CD1 . LEU A 1 2  ? 12.947  -1.925  -1.195  1.00 16.87 ? 26  LEU A CD1 1 
ATOM   15  C  CD2 . LEU A 1 2  ? 13.465  -4.293  -1.852  1.00 17.28 ? 26  LEU A CD2 1 
ATOM   16  N  N   . VAL A 1 3  ? 12.655  -4.096  2.969   1.00 15.14 ? 27  VAL A N   1 
ATOM   17  C  CA  . VAL A 1 3  ? 11.398  -4.522  3.581   1.00 15.08 ? 27  VAL A CA  1 
ATOM   18  C  C   . VAL A 1 3  ? 11.029  -3.593  4.742   1.00 14.80 ? 27  VAL A C   1 
ATOM   19  O  O   . VAL A 1 3  ? 9.861   -3.245  4.912   1.00 14.68 ? 27  VAL A O   1 
ATOM   20  C  CB  . VAL A 1 3  ? 11.455  -6.006  4.030   1.00 15.27 ? 27  VAL A CB  1 
ATOM   21  C  CG1 . VAL A 1 3  ? 10.172  -6.408  4.752   1.00 16.03 ? 27  VAL A CG1 1 
ATOM   22  C  CG2 . VAL A 1 3  ? 11.677  -6.909  2.825   1.00 15.79 ? 27  VAL A CG2 1 
ATOM   23  N  N   . VAL A 1 4  ? 12.032  -3.178  5.516   1.00 14.40 ? 28  VAL A N   1 
ATOM   24  C  CA  . VAL A 1 4  ? 11.822  -2.208  6.597   1.00 14.08 ? 28  VAL A CA  1 
ATOM   25  C  C   . VAL A 1 4  ? 11.326  -0.875  6.028   1.00 13.16 ? 28  VAL A C   1 
ATOM   26  O  O   . VAL A 1 4  ? 10.336  -0.317  6.505   1.00 12.90 ? 28  VAL A O   1 
ATOM   27  C  CB  . VAL A 1 4  ? 13.107  -2.016  7.449   1.00 14.39 ? 28  VAL A CB  1 
ATOM   28  C  CG1 . VAL A 1 4  ? 12.963  -0.835  8.417   1.00 15.35 ? 28  VAL A CG1 1 
ATOM   29  C  CG2 . VAL A 1 4  ? 13.434  -3.305  8.205   1.00 14.91 ? 28  VAL A CG2 1 
ATOM   30  N  N   . ALA A 1 5  ? 12.006  -0.385  4.994   1.00 12.53 ? 29  ALA A N   1 
ATOM   31  C  CA  . ALA A 1 5  ? 11.613  0.857   4.331   1.00 11.96 ? 29  ALA A CA  1 
ATOM   32  C  C   . ALA A 1 5  ? 10.171  0.789   3.819   1.00 11.57 ? 29  ALA A C   1 
ATOM   33  O  O   . ALA A 1 5  ? 9.368   1.695   4.067   1.00 10.98 ? 29  ALA A O   1 
ATOM   34  C  CB  . ALA A 1 5  ? 12.581  1.178   3.187   1.00 12.44 ? 29  ALA A CB  1 
ATOM   35  N  N   . ALA A 1 6  ? 9.840   -0.300  3.126   1.00 11.28 ? 30  ALA A N   1 
ATOM   36  C  CA  . ALA A 1 6  ? 8.494   -0.489  2.586   1.00 11.15 ? 30  ALA A CA  1 
ATOM   37  C  C   . ALA A 1 6  ? 7.442   -0.591  3.687   1.00 10.92 ? 30  ALA A C   1 
ATOM   38  O  O   . ALA A 1 6  ? 6.327   -0.102  3.519   1.00 11.18 ? 30  ALA A O   1 
ATOM   39  C  CB  . ALA A 1 6  ? 8.447   -1.719  1.697   1.00 11.40 ? 30  ALA A CB  1 
ATOM   40  N  N   . SER A 1 7  ? 7.804   -1.222  4.809   1.00 10.69 ? 31  SER A N   1 
ATOM   41  C  CA  . SER A 1 7  ? 6.908   -1.338  5.964   1.00 10.18 ? 31  SER A CA  1 
ATOM   42  C  C   . SER A 1 7  ? 6.577   0.032   6.557   1.00 9.84  ? 31  SER A C   1 
ATOM   43  O  O   . SER A 1 7  ? 5.415   0.332   6.845   1.00 9.20  ? 31  SER A O   1 
ATOM   44  C  CB  . SER A 1 7  ? 7.502   -2.254  7.038   1.00 10.43 ? 31  SER A CB  1 
ATOM   45  O  OG  . SER A 1 7  ? 7.545   -3.597  6.583   1.00 11.32 ? 31  SER A OG  1 
ATOM   46  N  N   . ILE A 1 8  ? 7.604   0.862   6.726   1.00 9.34  ? 32  ILE A N   1 
ATOM   47  C  CA  . ILE A 1 8  ? 7.412   2.234   7.187   1.00 9.61  ? 32  ILE A CA  1 
ATOM   48  C  C   . ILE A 1 8  ? 6.525   3.001   6.204   1.00 9.82  ? 32  ILE A C   1 
ATOM   49  O  O   . ILE A 1 8  ? 5.587   3.691   6.606   1.00 9.73  ? 32  ILE A O   1 
ATOM   50  C  CB  . ILE A 1 8  ? 8.773   2.954   7.373   1.00 9.57  ? 32  ILE A CB  1 
ATOM   51  C  CG1 . ILE A 1 8  ? 9.555   2.319   8.532   1.00 9.66  ? 32  ILE A CG1 1 
ATOM   52  C  CG2 . ILE A 1 8  ? 8.575   4.455   7.620   1.00 10.71 ? 32  ILE A CG2 1 
ATOM   53  C  CD1 . ILE A 1 8  ? 11.022  2.704   8.560   1.00 10.36 ? 32  ILE A CD1 1 
ATOM   54  N  N   . ILE A 1 9  ? 6.821   2.854   4.917   1.00 10.23 ? 33  ILE A N   1 
ATOM   55  C  CA  . ILE A 1 9  ? 6.089   3.564   3.866   1.00 11.15 ? 33  ILE A CA  1 
ATOM   56  C  C   . ILE A 1 9  ? 4.612   3.155   3.807   1.00 11.31 ? 33  ILE A C   1 
ATOM   57  O  O   . ILE A 1 9  ? 3.746   4.010   3.632   1.00 11.42 ? 33  ILE A O   1 
ATOM   58  C  CB  . ILE A 1 9  ? 6.831   3.462   2.503   1.00 11.23 ? 33  ILE A CB  1 
ATOM   59  C  CG1 . ILE A 1 9  ? 7.942   4.519   2.467   1.00 12.59 ? 33  ILE A CG1 1 
ATOM   60  C  CG2 . ILE A 1 9  ? 5.870   3.620   1.312   1.00 11.89 ? 33  ILE A CG2 1 
ATOM   61  C  CD1 . ILE A 1 9  ? 9.001   4.315   1.402   1.00 15.28 ? 33  ILE A CD1 1 
ATOM   62  N  N   . ALA A 1 10 ? 4.328   1.866   3.992   1.00 11.55 ? 34  ALA A N   1 
ATOM   63  C  CA  . ALA A 1 10 ? 2.945   1.361   4.008   1.00 11.95 ? 34  ALA A CA  1 
ATOM   64  C  C   . ALA A 1 10 ? 2.113   1.994   5.130   1.00 11.84 ? 34  ALA A C   1 
ATOM   65  O  O   . ALA A 1 10 ? 0.933   2.349   4.943   1.00 12.31 ? 34  ALA A O   1 
ATOM   66  C  CB  . ALA A 1 10 ? 2.927   -0.161  4.118   1.00 12.22 ? 34  ALA A CB  1 
ATOM   67  N  N   . ILE A 1 11 ? 2.739   2.165   6.288   1.00 11.26 ? 35  ILE A N   1 
ATOM   68  C  CA  . ILE A 1 11 ? 2.072   2.803   7.413   1.00 10.87 ? 35  ILE A CA  1 
ATOM   69  C  C   . ILE A 1 11 ? 1.862   4.293   7.119   1.00 10.47 ? 35  ILE A C   1 
ATOM   70  O  O   . ILE A 1 11 ? 0.764   4.819   7.315   1.00 10.73 ? 35  ILE A O   1 
ATOM   71  C  CB  . ILE A 1 11 ? 2.825   2.559   8.751   1.00 11.02 ? 35  ILE A CB  1 
ATOM   72  C  CG1 . ILE A 1 11 ? 2.916   1.049   9.033   1.00 11.83 ? 35  ILE A CG1 1 
ATOM   73  C  CG2 . ILE A 1 11 ? 2.116   3.281   9.897   1.00 11.33 ? 35  ILE A CG2 1 
ATOM   74  C  CD1 . ILE A 1 11 ? 3.916   0.652   10.129  1.00 13.33 ? 35  ILE A CD1 1 
ATOM   75  N  N   . LEU A 1 12 ? 2.905   4.956   6.616   1.00 10.18 ? 36  LEU A N   1 
ATOM   76  C  CA  . LEU A 1 12 ? 2.817   6.368   6.255   1.00 9.61  ? 36  LEU A CA  1 
ATOM   77  C  C   . LEU A 1 12 ? 1.744   6.605   5.193   1.00 9.36  ? 36  LEU A C   1 
ATOM   78  O  O   . LEU A 1 12 ? 0.934   7.527   5.319   1.00 9.27  ? 36  LEU A O   1 
ATOM   79  C  CB  . LEU A 1 12 ? 4.175   6.897   5.774   1.00 9.56  ? 36  LEU A CB  1 
ATOM   80  C  CG  . LEU A 1 12 ? 4.186   8.335   5.243   1.00 10.03 ? 36  LEU A CG  1 
ATOM   81  C  CD1 . LEU A 1 12 ? 3.820   9.333   6.338   1.00 11.01 ? 36  LEU A CD1 1 
ATOM   82  C  CD2 . LEU A 1 12 ? 5.534   8.685   4.621   1.00 11.02 ? 36  LEU A CD2 1 
ATOM   83  N  N   . HIS A 1 13 ? 1.734   5.760   4.163   1.00 9.16  ? 37  HIS A N   1 
ATOM   84  C  CA  . HIS A 1 13 ? 0.751   5.860   3.082   1.00 9.32  ? 37  HIS A CA  1 
ATOM   85  C  C   . HIS A 1 13 ? -0.691  5.801   3.608   1.00 9.39  ? 37  HIS A C   1 
ATOM   86  O  O   . HIS A 1 13 ? -1.532  6.610   3.201   1.00 9.44  ? 37  HIS A O   1 
ATOM   87  C  CB  . HIS A 1 13 ? 0.990   4.760   2.041   1.00 9.37  ? 37  HIS A CB  1 
ATOM   88  C  CG  . HIS A 1 13 ? 0.279   4.974   0.740   1.00 10.08 ? 37  HIS A CG  1 
ATOM   89  N  ND1 . HIS A 1 13 ? 0.526   4.198   -0.371  1.00 11.03 ? 37  HIS A ND1 1 
ATOM   90  C  CD2 . HIS A 1 13 ? -0.667  5.871   0.369   1.00 10.61 ? 37  HIS A CD2 1 
ATOM   91  C  CE1 . HIS A 1 13 ? -0.243  4.599   -1.367  1.00 11.36 ? 37  HIS A CE1 1 
ATOM   92  N  NE2 . HIS A 1 13 ? -0.976  5.613   -0.945  1.00 11.20 ? 37  HIS A NE2 1 
ATOM   93  N  N   . LEU A 1 14 ? -0.983  4.866   4.514   1.00 9.23  ? 38  LEU A N   1 
ATOM   94  C  CA  . LEU A 1 14 ? -2.339  4.777   5.067   1.00 9.76  ? 38  LEU A CA  1 
ATOM   95  C  C   . LEU A 1 14 ? -2.703  6.040   5.835   1.00 9.50  ? 38  LEU A C   1 
ATOM   96  O  O   . LEU A 1 14 ? -3.802  6.572   5.680   1.00 9.32  ? 38  LEU A O   1 
ATOM   97  C  CB  . LEU A 1 14 ? -2.533  3.544   5.962   1.00 9.94  ? 38  LEU A CB  1 
ATOM   98  C  CG  . LEU A 1 14 ? -3.950  3.442   6.561   1.00 11.50 ? 38  LEU A CG  1 
ATOM   99  C  CD1 . LEU A 1 14 ? -5.030  3.362   5.470   1.00 13.21 ? 38  LEU A CD1 1 
ATOM   100 C  CD2 . LEU A 1 14 ? -4.079  2.272   7.514   1.00 14.06 ? 38  LEU A CD2 1 
ATOM   101 N  N   . ILE A 1 15 ? -1.773  6.522   6.657   1.00 9.63  ? 39  ILE A N   1 
ATOM   102 C  CA  . ILE A 1 15 ? -2.013  7.738   7.432   1.00 9.92  ? 39  ILE A CA  1 
ATOM   103 C  C   . ILE A 1 15 ? -2.316  8.915   6.508   1.00 9.88  ? 39  ILE A C   1 
ATOM   104 O  O   . ILE A 1 15 ? -3.308  9.626   6.697   1.00 9.82  ? 39  ILE A O   1 
ATOM   105 C  CB  . ILE A 1 15 ? -0.821  8.066   8.361   1.00 10.01 ? 39  ILE A CB  1 
ATOM   106 C  CG1 . ILE A 1 15 ? -0.694  6.985   9.440   1.00 10.53 ? 39  ILE A CG1 1 
ATOM   107 C  CG2 . ILE A 1 15 ? -0.993  9.453   8.992   1.00 10.75 ? 39  ILE A CG2 1 
ATOM   108 C  CD1 . ILE A 1 15 ? 0.563   7.093   10.296  1.00 11.95 ? 39  ILE A CD1 1 
ATOM   109 N  N   . LEU A 1 16 ? -1.472  9.098   5.493   1.00 10.00 ? 40  LEU A N   1 
ATOM   110 C  CA  . LEU A 1 16 ? -1.643  10.184  4.531   1.00 10.15 ? 40  LEU A CA  1 
ATOM   111 C  C   . LEU A 1 16 ? -2.972  10.085  3.791   1.00 10.58 ? 40  LEU A C   1 
ATOM   112 O  O   . LEU A 1 16 ? -3.667  11.088  3.615   1.00 10.60 ? 40  LEU A O   1 
ATOM   113 C  CB  . LEU A 1 16 ? -0.486  10.201  3.528   1.00 9.89  ? 40  LEU A CB  1 
ATOM   114 C  CG  . LEU A 1 16 ? 0.890   10.611  4.057   1.00 10.03 ? 40  LEU A CG  1 
ATOM   115 C  CD1 . LEU A 1 16 ? 1.946   10.456  2.968   1.00 9.96  ? 40  LEU A CD1 1 
ATOM   116 C  CD2 . LEU A 1 16 ? 0.892   12.036  4.601   1.00 11.39 ? 40  LEU A CD2 1 
ATOM   117 N  N   . TRP A 1 17 ? -3.323  8.871   3.372   1.00 11.18 ? 41  TRP A N   1 
ATOM   118 C  CA  . TRP A 1 17 ? -4.559  8.645   2.626   1.00 11.88 ? 41  TRP A CA  1 
ATOM   119 C  C   . TRP A 1 17 ? -5.811  8.930   3.467   1.00 12.55 ? 41  TRP A C   1 
ATOM   120 O  O   . TRP A 1 17 ? -6.749  9.572   2.988   1.00 12.14 ? 41  TRP A O   1 
ATOM   121 C  CB  . TRP A 1 17 ? -4.599  7.228   2.038   1.00 11.95 ? 41  TRP A CB  1 
ATOM   122 C  CG  . TRP A 1 17 ? -5.827  6.965   1.219   1.00 12.51 ? 41  TRP A CG  1 
ATOM   123 C  CD1 . TRP A 1 17 ? -6.042  7.325   -0.084  1.00 13.25 ? 41  TRP A CD1 1 
ATOM   124 C  CD2 . TRP A 1 17 ? -7.017  6.298   1.652   1.00 12.38 ? 41  TRP A CD2 1 
ATOM   125 N  NE1 . TRP A 1 17 ? -7.293  6.915   -0.488  1.00 13.69 ? 41  TRP A NE1 1 
ATOM   126 C  CE2 . TRP A 1 17 ? -7.911  6.284   0.559   1.00 13.20 ? 41  TRP A CE2 1 
ATOM   127 C  CE3 . TRP A 1 17 ? -7.415  5.710   2.859   1.00 14.25 ? 41  TRP A CE3 1 
ATOM   128 C  CZ2 . TRP A 1 17 ? -9.182  5.700   0.636   1.00 12.86 ? 41  TRP A CZ2 1 
ATOM   129 C  CZ3 . TRP A 1 17 ? -8.678  5.132   2.936   1.00 14.09 ? 41  TRP A CZ3 1 
ATOM   130 C  CH2 . TRP A 1 17 ? -9.545  5.132   1.831   1.00 14.17 ? 41  TRP A CH2 1 
ATOM   131 N  N   . ILE A 1 18 ? -5.813  8.465   4.714   1.00 13.44 ? 42  ILE A N   1 
ATOM   132 C  CA  . ILE A 1 18 ? -6.922  8.728   5.638   1.00 14.85 ? 42  ILE A CA  1 
ATOM   133 C  C   . ILE A 1 18 ? -7.100  10.235  5.849   1.00 15.51 ? 42  ILE A C   1 
ATOM   134 O  O   . ILE A 1 18 ? -8.218  10.746  5.773   1.00 15.70 ? 42  ILE A O   1 
ATOM   135 C  CB  . ILE A 1 18 ? -6.724  8.000   6.995   1.00 14.84 ? 42  ILE A CB  1 
ATOM   136 C  CG1 . ILE A 1 18 ? -6.912  6.491   6.820   1.00 15.99 ? 42  ILE A CG1 1 
ATOM   137 C  CG2 . ILE A 1 18 ? -7.683  8.550   8.060   1.00 15.65 ? 42  ILE A CG2 1 
ATOM   138 C  CD1 . ILE A 1 18 ? -6.639  5.672   8.076   1.00 17.02 ? 42  ILE A CD1 1 
ATOM   139 N  N   . LEU A 1 19 ? -5.995  10.941  6.093   1.00 16.31 ? 43  LEU A N   1 
ATOM   140 C  CA  . LEU A 1 19 ? -6.032  12.394  6.276   1.00 17.35 ? 43  LEU A CA  1 
ATOM   141 C  C   . LEU A 1 19 ? -6.499  13.135  5.022   1.00 18.24 ? 43  LEU A C   1 
ATOM   142 O  O   . LEU A 1 19 ? -7.216  14.130  5.126   1.00 18.53 ? 43  LEU A O   1 
ATOM   143 C  CB  . LEU A 1 19 ? -4.673  12.921  6.752   1.00 17.37 ? 43  LEU A CB  1 
ATOM   144 C  CG  . LEU A 1 19 ? -4.270  12.529  8.181   1.00 18.01 ? 43  LEU A CG  1 
ATOM   145 C  CD1 . LEU A 1 19 ? -2.807  12.868  8.446   1.00 17.99 ? 43  LEU A CD1 1 
ATOM   146 C  CD2 . LEU A 1 19 ? -5.167  13.193  9.222   1.00 18.94 ? 43  LEU A CD2 1 
ATOM   147 N  N   . ASP A 1 20 ? -6.097  12.648  3.848   1.00 19.04 ? 44  ASP A N   1 
ATOM   148 C  CA  . ASP A 1 20 ? -6.563  13.208  2.576   1.00 20.36 ? 44  ASP A CA  1 
ATOM   149 C  C   . ASP A 1 20 ? -8.072  13.028  2.411   1.00 21.10 ? 44  ASP A C   1 
ATOM   150 O  O   . ASP A 1 20 ? -8.765  13.956  1.987   1.00 21.30 ? 44  ASP A O   1 
ATOM   151 C  CB  . ASP A 1 20 ? -5.831  12.575  1.388   1.00 20.48 ? 44  ASP A CB  1 
ATOM   152 C  CG  . ASP A 1 20 ? -6.235  13.193  0.055   1.00 21.10 ? 44  ASP A CG  1 
ATOM   153 O  OD1 . ASP A 1 20 ? -5.950  14.385  -0.160  1.00 23.29 ? 44  ASP A OD1 1 
ATOM   154 O  OD2 . ASP A 1 20 ? -6.834  12.486  -0.777  1.00 22.62 ? 44  ASP A OD2 1 
ATOM   155 N  N   . ARG A 1 21 ? -8.568  11.840  2.759   1.00 22.15 ? 45  ARG A N   1 
ATOM   156 C  CA  . ARG A 1 21 ? -9.992  11.511  2.628   1.00 23.43 ? 45  ARG A CA  1 
ATOM   157 C  C   . ARG A 1 21 ? -10.861 12.282  3.617   1.00 24.11 ? 45  ARG A C   1 
ATOM   158 O  O   . ARG A 1 21 ? -11.954 12.733  3.266   1.00 24.24 ? 45  ARG A O   1 
ATOM   159 C  CB  . ARG A 1 21 ? -10.227 10.007  2.794   1.00 23.60 ? 45  ARG A CB  1 
ATOM   160 C  CG  . ARG A 1 21 ? -9.658  9.132   1.682   1.00 25.21 ? 45  ARG A CG  1 
ATOM   161 C  CD  . ARG A 1 21 ? -10.466 9.228   0.393   1.00 28.57 ? 45  ARG A CD  1 
ATOM   162 N  NE  . ARG A 1 21 ? -9.963  10.268  -0.499  1.00 30.38 ? 45  ARG A NE  1 
ATOM   163 C  CZ  . ARG A 1 21 ? -10.676 10.836  -1.469  1.00 32.17 ? 45  ARG A CZ  1 
ATOM   164 N  NH1 . ARG A 1 21 ? -11.938 10.475  -1.678  1.00 32.74 ? 45  ARG A NH1 1 
ATOM   165 N  NH2 . ARG A 1 21 ? -10.126 11.777  -2.227  1.00 32.68 ? 45  ARG A NH2 1 
ATOM   166 N  N   . LEU A 1 22 ? -10.379 12.415  4.852   1.00 24.99 ? 46  LEU A N   1 
ATOM   167 C  CA  . LEU A 1 22 ? -11.049 13.225  5.865   1.00 25.81 ? 46  LEU A CA  1 
ATOM   168 C  C   . LEU A 1 22 ? -10.878 14.704  5.545   1.00 26.18 ? 46  LEU A C   1 
ATOM   169 O  O   . LEU A 1 22 ? -11.695 15.534  5.946   1.00 26.80 ? 46  LEU A O   1 
ATOM   170 C  CB  . LEU A 1 22 ? -10.496 12.931  7.264   1.00 26.04 ? 46  LEU A CB  1 
ATOM   171 C  CG  . LEU A 1 22 ? -10.549 11.515  7.847   1.00 26.57 ? 46  LEU A CG  1 
ATOM   172 C  CD1 . LEU A 1 22 ? -9.726  11.458  9.127   1.00 27.11 ? 46  LEU A CD1 1 
ATOM   173 C  CD2 . LEU A 1 22 ? -11.974 11.036  8.101   1.00 27.32 ? 46  LEU A CD2 1 
HETATM 174 N  N   . NH2 A 1 23 ? -9.839  15.062  4.803   1.00 26.37 ? 47  NH2 A N   1 
ATOM   175 N  N   . PRO B 1 1  ? 11.247  -13.274 -3.767  1.00 17.84 ? 25  PRO B N   1 
ATOM   176 C  CA  . PRO B 1 1  ? 10.982  -12.346 -4.862  1.00 17.27 ? 25  PRO B CA  1 
ATOM   177 C  C   . PRO B 1 1  ? 9.642   -11.620 -4.727  1.00 16.81 ? 25  PRO B C   1 
ATOM   178 O  O   . PRO B 1 1  ? 9.558   -10.437 -5.059  1.00 16.35 ? 25  PRO B O   1 
ATOM   179 C  CB  . PRO B 1 1  ? 10.977  -13.259 -6.083  1.00 17.56 ? 25  PRO B CB  1 
ATOM   180 C  CG  . PRO B 1 1  ? 12.003  -14.295 -5.749  1.00 17.91 ? 25  PRO B CG  1 
ATOM   181 C  CD  . PRO B 1 1  ? 11.967  -14.473 -4.243  1.00 17.95 ? 25  PRO B CD  1 
ATOM   182 N  N   . LEU B 1 2  ? 8.618   -12.317 -4.230  1.00 16.09 ? 26  LEU B N   1 
ATOM   183 C  CA  . LEU B 1 2  ? 7.300   -11.713 -4.024  1.00 15.33 ? 26  LEU B CA  1 
ATOM   184 C  C   . LEU B 1 2  ? 7.349   -10.534 -3.049  1.00 14.70 ? 26  LEU B C   1 
ATOM   185 O  O   . LEU B 1 2  ? 6.757   -9.488  -3.309  1.00 14.07 ? 26  LEU B O   1 
ATOM   186 C  CB  . LEU B 1 2  ? 6.287   -12.757 -3.536  1.00 15.32 ? 26  LEU B CB  1 
ATOM   187 C  CG  . LEU B 1 2  ? 4.883   -12.256 -3.167  1.00 15.74 ? 26  LEU B CG  1 
ATOM   188 C  CD1 . LEU B 1 2  ? 4.167   -11.641 -4.372  1.00 15.81 ? 26  LEU B CD1 1 
ATOM   189 C  CD2 . LEU B 1 2  ? 4.054   -13.382 -2.554  1.00 15.02 ? 26  LEU B CD2 1 
ATOM   190 N  N   . VAL B 1 3  ? 8.046   -10.718 -1.931  1.00 14.39 ? 27  VAL B N   1 
ATOM   191 C  CA  . VAL B 1 3  ? 8.126   -9.691  -0.895  1.00 14.29 ? 27  VAL B CA  1 
ATOM   192 C  C   . VAL B 1 3  ? 8.983   -8.520  -1.371  1.00 13.95 ? 27  VAL B C   1 
ATOM   193 O  O   . VAL B 1 3  ? 8.650   -7.364  -1.112  1.00 13.76 ? 27  VAL B O   1 
ATOM   194 C  CB  . VAL B 1 3  ? 8.638   -10.264 0.449   1.00 14.43 ? 27  VAL B CB  1 
ATOM   195 C  CG1 . VAL B 1 3  ? 8.656   -9.187  1.529   1.00 14.96 ? 27  VAL B CG1 1 
ATOM   196 C  CG2 . VAL B 1 3  ? 7.747   -11.405 0.896   1.00 15.22 ? 27  VAL B CG2 1 
ATOM   197 N  N   . VAL B 1 4  ? 10.069  -8.824  -2.080  1.00 13.46 ? 28  VAL B N   1 
ATOM   198 C  CA  . VAL B 1 4  ? 10.909  -7.789  -2.694  1.00 13.46 ? 28  VAL B CA  1 
ATOM   199 C  C   . VAL B 1 4  ? 10.103  -6.957  -3.698  1.00 13.00 ? 28  VAL B C   1 
ATOM   200 O  O   . VAL B 1 4  ? 10.117  -5.724  -3.641  1.00 13.01 ? 28  VAL B O   1 
ATOM   201 C  CB  . VAL B 1 4  ? 12.163  -8.396  -3.380  1.00 13.68 ? 28  VAL B CB  1 
ATOM   202 C  CG1 . VAL B 1 4  ? 12.929  -7.330  -4.158  1.00 13.44 ? 28  VAL B CG1 1 
ATOM   203 C  CG2 . VAL B 1 4  ? 13.068  -9.040  -2.348  1.00 14.24 ? 28  VAL B CG2 1 
ATOM   204 N  N   . ALA B 1 5  ? 9.407   -7.638  -4.610  1.00 12.34 ? 29  ALA B N   1 
ATOM   205 C  CA  . ALA B 1 5  ? 8.555   -6.965  -5.592  1.00 11.71 ? 29  ALA B CA  1 
ATOM   206 C  C   . ALA B 1 5  ? 7.491   -6.096  -4.929  1.00 11.50 ? 29  ALA B C   1 
ATOM   207 O  O   . ALA B 1 5  ? 7.300   -4.944  -5.321  1.00 10.99 ? 29  ALA B O   1 
ATOM   208 C  CB  . ALA B 1 5  ? 7.911   -7.979  -6.537  1.00 12.11 ? 29  ALA B CB  1 
ATOM   209 N  N   . ALA B 1 6  ? 6.811   -6.641  -3.918  1.00 11.08 ? 30  ALA B N   1 
ATOM   210 C  CA  . ALA B 1 6  ? 5.773   -5.890  -3.202  1.00 11.10 ? 30  ALA B CA  1 
ATOM   211 C  C   . ALA B 1 6  ? 6.326   -4.664  -2.485  1.00 10.91 ? 30  ALA B C   1 
ATOM   212 O  O   . ALA B 1 6  ? 5.682   -3.613  -2.456  1.00 10.86 ? 30  ALA B O   1 
ATOM   213 C  CB  . ALA B 1 6  ? 5.037   -6.789  -2.220  1.00 11.16 ? 30  ALA B CB  1 
ATOM   214 N  N   . SER B 1 7  ? 7.515   -4.811  -1.906  1.00 10.83 ? 31  SER B N   1 
ATOM   215 C  CA  . SER B 1 7  ? 8.195   -3.713  -1.228  1.00 10.88 ? 31  SER B CA  1 
ATOM   216 C  C   . SER B 1 7  ? 8.474   -2.558  -2.187  1.00 10.60 ? 31  SER B C   1 
ATOM   217 O  O   . SER B 1 7  ? 8.191   -1.399  -1.870  1.00 10.23 ? 31  SER B O   1 
ATOM   218 C  CB  . SER B 1 7  ? 9.497   -4.205  -0.594  1.00 11.01 ? 31  SER B CB  1 
ATOM   219 O  OG  . SER B 1 7  ? 9.221   -5.017  0.527   1.00 12.06 ? 31  SER B OG  1 
ATOM   220 N  N   . ILE B 1 8  ? 9.013   -2.891  -3.362  1.00 10.49 ? 32  ILE B N   1 
ATOM   221 C  CA  . ILE B 1 8  ? 9.285   -1.909  -4.413  1.00 10.82 ? 32  ILE B CA  1 
ATOM   222 C  C   . ILE B 1 8  ? 7.980   -1.258  -4.869  1.00 10.76 ? 32  ILE B C   1 
ATOM   223 O  O   . ILE B 1 8  ? 7.898   -0.038  -5.011  1.00 10.55 ? 32  ILE B O   1 
ATOM   224 C  CB  . ILE B 1 8  ? 10.023  -2.575  -5.609  1.00 10.96 ? 32  ILE B CB  1 
ATOM   225 C  CG1 . ILE B 1 8  ? 11.420  -3.021  -5.168  1.00 11.70 ? 32  ILE B CG1 1 
ATOM   226 C  CG2 . ILE B 1 8  ? 10.106  -1.632  -6.822  1.00 11.33 ? 32  ILE B CG2 1 
ATOM   227 C  CD1 . ILE B 1 8  ? 12.069  -4.051  -6.093  1.00 14.02 ? 32  ILE B CD1 1 
ATOM   228 N  N   . ILE B 1 9  ? 6.955   -2.080  -5.065  1.00 10.82 ? 33  ILE B N   1 
ATOM   229 C  CA  . ILE B 1 9  ? 5.662   -1.591  -5.543  1.00 11.40 ? 33  ILE B CA  1 
ATOM   230 C  C   . ILE B 1 9  ? 4.987   -0.669  -4.523  1.00 11.32 ? 33  ILE B C   1 
ATOM   231 O  O   . ILE B 1 9  ? 4.394   0.341   -4.902  1.00 10.96 ? 33  ILE B O   1 
ATOM   232 C  CB  . ILE B 1 9  ? 4.757   -2.761  -6.002  1.00 11.62 ? 33  ILE B CB  1 
ATOM   233 C  CG1 . ILE B 1 9  ? 5.222   -3.227  -7.385  1.00 12.62 ? 33  ILE B CG1 1 
ATOM   234 C  CG2 . ILE B 1 9  ? 3.292   -2.343  -6.031  1.00 12.15 ? 33  ILE B CG2 1 
ATOM   235 C  CD1 . ILE B 1 9  ? 4.791   -4.627  -7.765  1.00 15.12 ? 33  ILE B CD1 1 
ATOM   236 N  N   . ALA B 1 10 ? 5.109   -1.002  -3.240  1.00 11.47 ? 34  ALA B N   1 
ATOM   237 C  CA  . ALA B 1 10 ? 4.590   -0.154  -2.163  1.00 11.64 ? 34  ALA B CA  1 
ATOM   238 C  C   . ALA B 1 10 ? 5.229   1.243   -2.173  1.00 11.43 ? 34  ALA B C   1 
ATOM   239 O  O   . ALA B 1 10 ? 4.538   2.248   -2.016  1.00 11.59 ? 34  ALA B O   1 
ATOM   240 C  CB  . ALA B 1 10 ? 4.782   -0.832  -0.804  1.00 12.00 ? 34  ALA B CB  1 
ATOM   241 N  N   . ILE B 1 11 ? 6.546   1.296   -2.373  1.00 11.05 ? 35  ILE B N   1 
ATOM   242 C  CA  . ILE B 1 11 ? 7.279   2.560   -2.488  1.00 10.89 ? 35  ILE B CA  1 
ATOM   243 C  C   . ILE B 1 11 ? 6.819   3.335   -3.729  1.00 10.02 ? 35  ILE B C   1 
ATOM   244 O  O   . ILE B 1 11 ? 6.530   4.535   -3.653  1.00 9.92  ? 35  ILE B O   1 
ATOM   245 C  CB  . ILE B 1 11 ? 8.820   2.322   -2.493  1.00 11.31 ? 35  ILE B CB  1 
ATOM   246 C  CG1 . ILE B 1 11 ? 9.244   1.664   -1.168  1.00 12.66 ? 35  ILE B CG1 1 
ATOM   247 C  CG2 . ILE B 1 11 ? 9.584   3.635   -2.729  1.00 11.54 ? 35  ILE B CG2 1 
ATOM   248 C  CD1 . ILE B 1 11 ? 10.587  0.956   -1.202  1.00 14.91 ? 35  ILE B CD1 1 
ATOM   249 N  N   . LEU B 1 12 ? 6.728   2.635   -4.857  1.00 9.25  ? 36  LEU B N   1 
ATOM   250 C  CA  . LEU B 1 12 ? 6.235   3.234   -6.093  1.00 8.87  ? 36  LEU B CA  1 
ATOM   251 C  C   . LEU B 1 12 ? 4.827   3.798   -5.908  1.00 8.69  ? 36  LEU B C   1 
ATOM   252 O  O   . LEU B 1 12 ? 4.550   4.921   -6.315  1.00 8.59  ? 36  LEU B O   1 
ATOM   253 C  CB  . LEU B 1 12 ? 6.250   2.211   -7.235  1.00 8.64  ? 36  LEU B CB  1 
ATOM   254 C  CG  . LEU B 1 12 ? 5.703   2.719   -8.576  1.00 8.56  ? 36  LEU B CG  1 
ATOM   255 C  CD1 . LEU B 1 12 ? 6.598   3.813   -9.153  1.00 9.48  ? 36  LEU B CD1 1 
ATOM   256 C  CD2 . LEU B 1 12 ? 5.556   1.568   -9.555  1.00 8.92  ? 36  LEU B CD2 1 
ATOM   257 N  N   . HIS B 1 13 ? 3.953   3.010   -5.284  1.00 8.57  ? 37  HIS B N   1 
ATOM   258 C  CA  . HIS B 1 13 ? 2.566   3.409   -5.053  1.00 8.35  ? 37  HIS B CA  1 
ATOM   259 C  C   . HIS B 1 13 ? 2.478   4.719   -4.267  1.00 8.55  ? 37  HIS B C   1 
ATOM   260 O  O   . HIS B 1 13 ? 1.735   5.624   -4.648  1.00 8.04  ? 37  HIS B O   1 
ATOM   261 C  CB  . HIS B 1 13 ? 1.815   2.291   -4.320  1.00 8.58  ? 37  HIS B CB  1 
ATOM   262 C  CG  . HIS B 1 13 ? 0.325   2.462   -4.307  1.00 9.56  ? 37  HIS B CG  1 
ATOM   263 N  ND1 . HIS B 1 13 ? -0.523  1.491   -3.821  1.00 11.67 ? 37  HIS B ND1 1 
ATOM   264 C  CD2 . HIS B 1 13 ? -0.468  3.477   -4.730  1.00 10.09 ? 37  HIS B CD2 1 
ATOM   265 C  CE1 . HIS B 1 13 ? -1.773  1.908   -3.929  1.00 12.03 ? 37  HIS B CE1 1 
ATOM   266 N  NE2 . HIS B 1 13 ? -1.767  3.109   -4.478  1.00 11.21 ? 37  HIS B NE2 1 
ATOM   267 N  N   . LEU B 1 14 ? 3.250   4.834   -3.185  1.00 8.47  ? 38  LEU B N   1 
ATOM   268 C  CA  . LEU B 1 14 ? 3.242   6.067   -2.404  1.00 8.81  ? 38  LEU B CA  1 
ATOM   269 C  C   . LEU B 1 14 ? 3.659   7.267   -3.257  1.00 8.86  ? 38  LEU B C   1 
ATOM   270 O  O   . LEU B 1 14 ? 2.978   8.288   -3.264  1.00 8.46  ? 38  LEU B O   1 
ATOM   271 C  CB  . LEU B 1 14 ? 4.118   5.951   -1.150  1.00 9.32  ? 38  LEU B CB  1 
ATOM   272 C  CG  . LEU B 1 14 ? 4.287   7.267   -0.384  1.00 9.92  ? 38  LEU B CG  1 
ATOM   273 C  CD1 . LEU B 1 14 ? 2.962   7.720   0.251   1.00 10.78 ? 38  LEU B CD1 1 
ATOM   274 C  CD2 . LEU B 1 14 ? 5.399   7.167   0.651   1.00 11.72 ? 38  LEU B CD2 1 
ATOM   275 N  N   . ILE B 1 15 ? 4.761   7.123   -3.991  1.00 8.73  ? 39  ILE B N   1 
ATOM   276 C  CA  . ILE B 1 15 ? 5.261   8.191   -4.862  1.00 8.95  ? 39  ILE B CA  1 
ATOM   277 C  C   . ILE B 1 15 ? 4.201   8.615   -5.888  1.00 8.76  ? 39  ILE B C   1 
ATOM   278 O  O   . ILE B 1 15 ? 3.904   9.807   -6.027  1.00 8.89  ? 39  ILE B O   1 
ATOM   279 C  CB  . ILE B 1 15 ? 6.574   7.776   -5.564  1.00 9.17  ? 39  ILE B CB  1 
ATOM   280 C  CG1 . ILE B 1 15 ? 7.689   7.627   -4.524  1.00 9.40  ? 39  ILE B CG1 1 
ATOM   281 C  CG2 . ILE B 1 15 ? 6.951   8.794   -6.655  1.00 9.57  ? 39  ILE B CG2 1 
ATOM   282 C  CD1 . ILE B 1 15 ? 8.885   6.796   -4.977  1.00 10.68 ? 39  ILE B CD1 1 
ATOM   283 N  N   . LEU B 1 16 ? 3.609   7.636   -6.570  1.00 8.68  ? 40  LEU B N   1 
ATOM   284 C  CA  . LEU B 1 16 ? 2.596   7.910   -7.584  1.00 8.56  ? 40  LEU B CA  1 
ATOM   285 C  C   . LEU B 1 16 ? 1.366   8.576   -6.996  1.00 8.63  ? 40  LEU B C   1 
ATOM   286 O  O   . LEU B 1 16 ? 0.796   9.480   -7.606  1.00 8.44  ? 40  LEU B O   1 
ATOM   287 C  CB  . LEU B 1 16 ? 2.193   6.630   -8.322  1.00 8.58  ? 40  LEU B CB  1 
ATOM   288 C  CG  . LEU B 1 16 ? 3.278   5.936   -9.144  1.00 8.64  ? 40  LEU B CG  1 
ATOM   289 C  CD1 . LEU B 1 16 ? 2.694   4.693   -9.803  1.00 8.88  ? 40  LEU B CD1 1 
ATOM   290 C  CD2 . LEU B 1 16 ? 3.895   6.876   -10.182 1.00 9.72  ? 40  LEU B CD2 1 
ATOM   291 N  N   . TRP B 1 17 ? 0.960   8.134   -5.808  1.00 8.92  ? 41  TRP B N   1 
ATOM   292 C  CA  . TRP B 1 17 ? -0.230  8.689   -5.179  1.00 9.33  ? 41  TRP B CA  1 
ATOM   293 C  C   . TRP B 1 17 ? -0.001  10.146  -4.772  1.00 9.47  ? 41  TRP B C   1 
ATOM   294 O  O   . TRP B 1 17 ? -0.869  10.990  -4.980  1.00 9.66  ? 41  TRP B O   1 
ATOM   295 C  CB  . TRP B 1 17 ? -0.691  7.823   -4.001  1.00 9.54  ? 41  TRP B CB  1 
ATOM   296 C  CG  . TRP B 1 17 ? -1.865  8.395   -3.283  1.00 10.21 ? 41  TRP B CG  1 
ATOM   297 C  CD1 . TRP B 1 17 ? -3.180  8.313   -3.654  1.00 11.63 ? 41  TRP B CD1 1 
ATOM   298 C  CD2 . TRP B 1 17 ? -1.833  9.149   -2.072  1.00 10.47 ? 41  TRP B CD2 1 
ATOM   299 N  NE1 . TRP B 1 17 ? -3.969  8.977   -2.743  1.00 11.49 ? 41  TRP B NE1 1 
ATOM   300 C  CE2 . TRP B 1 17 ? -3.165  9.501   -1.764  1.00 11.03 ? 41  TRP B CE2 1 
ATOM   301 C  CE3 . TRP B 1 17 ? -0.807  9.568   -1.218  1.00 11.26 ? 41  TRP B CE3 1 
ATOM   302 C  CZ2 . TRP B 1 17 ? -3.497  10.246  -0.627  1.00 11.37 ? 41  TRP B CZ2 1 
ATOM   303 C  CZ3 . TRP B 1 17 ? -1.138  10.309  -0.095  1.00 10.80 ? 41  TRP B CZ3 1 
ATOM   304 C  CH2 . TRP B 1 17 ? -2.469  10.639  0.190   1.00 11.10 ? 41  TRP B CH2 1 
ATOM   305 N  N   . ILE B 1 18 ? 1.171   10.435  -4.213  1.00 9.78  ? 42  ILE B N   1 
ATOM   306 C  CA  . ILE B 1 18 ? 1.550   11.819  -3.914  1.00 10.13 ? 42  ILE B CA  1 
ATOM   307 C  C   . ILE B 1 18 ? 1.477   12.698  -5.175  1.00 10.08 ? 42  ILE B C   1 
ATOM   308 O  O   . ILE B 1 18 ? 0.890   13.781  -5.150  1.00 9.70  ? 42  ILE B O   1 
ATOM   309 C  CB  . ILE B 1 18 ? 2.953   11.904  -3.256  1.00 10.16 ? 42  ILE B CB  1 
ATOM   310 C  CG1 . ILE B 1 18 ? 2.902   11.309  -1.843  1.00 10.78 ? 42  ILE B CG1 1 
ATOM   311 C  CG2 . ILE B 1 18 ? 3.461   13.358  -3.223  1.00 11.12 ? 42  ILE B CG2 1 
ATOM   312 C  CD1 . ILE B 1 18 ? 4.255   11.027  -1.221  1.00 12.88 ? 42  ILE B CD1 1 
ATOM   313 N  N   . LEU B 1 19 ? 2.059   12.218  -6.273  1.00 10.26 ? 43  LEU B N   1 
ATOM   314 C  CA  . LEU B 1 19 ? 2.066   12.972  -7.532  1.00 11.14 ? 43  LEU B CA  1 
ATOM   315 C  C   . LEU B 1 19 ? 0.655   13.197  -8.073  1.00 11.92 ? 43  LEU B C   1 
ATOM   316 O  O   . LEU B 1 19 ? 0.342   14.277  -8.581  1.00 12.06 ? 43  LEU B O   1 
ATOM   317 C  CB  . LEU B 1 19 ? 2.954   12.279  -8.573  1.00 10.96 ? 43  LEU B CB  1 
ATOM   318 C  CG  . LEU B 1 19 ? 4.445   12.226  -8.223  1.00 10.39 ? 43  LEU B CG  1 
ATOM   319 C  CD1 . LEU B 1 19 ? 5.191   11.248  -9.135  1.00 10.95 ? 43  LEU B CD1 1 
ATOM   320 C  CD2 . LEU B 1 19 ? 5.094   13.617  -8.250  1.00 10.42 ? 43  LEU B CD2 1 
ATOM   321 N  N   . ASP B 1 20 ? -0.189  12.178  -7.950  1.00 12.67 ? 44  ASP B N   1 
ATOM   322 C  CA  . ASP B 1 20 ? -1.608  12.282  -8.288  1.00 13.86 ? 44  ASP B CA  1 
ATOM   323 C  C   . ASP B 1 20 ? -2.315  13.364  -7.459  1.00 14.53 ? 44  ASP B C   1 
ATOM   324 O  O   . ASP B 1 20 ? -3.100  14.149  -7.998  1.00 14.33 ? 44  ASP B O   1 
ATOM   325 C  CB  . ASP B 1 20 ? -2.301  10.928  -8.075  1.00 14.32 ? 44  ASP B CB  1 
ATOM   326 C  CG  . ASP B 1 20 ? -3.801  10.993  -8.328  1.00 15.86 ? 44  ASP B CG  1 
ATOM   327 O  OD1 . ASP B 1 20 ? -4.198  11.101  -9.503  1.00 18.54 ? 44  ASP B OD1 1 
ATOM   328 O  OD2 . ASP B 1 20 ? -4.576  10.944  -7.348  1.00 19.09 ? 44  ASP B OD2 1 
ATOM   329 N  N   . ARG B 1 21 ? -2.031  13.406  -6.157  1.00 15.12 ? 45  ARG B N   1 
ATOM   330 C  CA  . ARG B 1 21 ? -2.682  14.368  -5.265  1.00 16.02 ? 45  ARG B CA  1 
ATOM   331 C  C   . ARG B 1 21 ? -2.205  15.798  -5.515  1.00 16.22 ? 45  ARG B C   1 
ATOM   332 O  O   . ARG B 1 21 ? -2.984  16.740  -5.400  1.00 16.63 ? 45  ARG B O   1 
ATOM   333 C  CB  . ARG B 1 21 ? -2.514  13.985  -3.789  1.00 16.36 ? 45  ARG B CB  1 
ATOM   334 C  CG  . ARG B 1 21 ? -3.110  12.618  -3.387  1.00 18.47 ? 45  ARG B CG  1 
ATOM   335 C  CD  . ARG B 1 21 ? -4.338  12.200  -4.216  1.00 22.56 ? 45  ARG B CD  1 
ATOM   336 N  NE  . ARG B 1 21 ? -5.545  12.943  -3.869  1.00 26.27 ? 45  ARG B NE  1 
ATOM   337 C  CZ  . ARG B 1 21 ? -6.576  13.136  -4.689  1.00 27.57 ? 45  ARG B CZ  1 
ATOM   338 N  NH1 . ARG B 1 21 ? -6.559  12.659  -5.930  1.00 28.27 ? 45  ARG B NH1 1 
ATOM   339 N  NH2 . ARG B 1 21 ? -7.626  13.826  -4.269  1.00 29.21 ? 45  ARG B NH2 1 
ATOM   340 N  N   . LEU B 1 22 ? -0.935  15.949  -5.875  1.00 16.24 ? 46  LEU B N   1 
ATOM   341 C  CA  . LEU B 1 22 ? -0.391  17.250  -6.248  1.00 16.78 ? 46  LEU B CA  1 
ATOM   342 C  C   . LEU B 1 22 ? -1.009  17.748  -7.550  1.00 16.69 ? 46  LEU B C   1 
ATOM   343 O  O   . LEU B 1 22 ? -1.055  18.950  -7.805  1.00 17.53 ? 46  LEU B O   1 
ATOM   344 C  CB  . LEU B 1 22 ? 1.131   17.180  -6.392  1.00 16.72 ? 46  LEU B CB  1 
ATOM   345 C  CG  . LEU B 1 22 ? 1.959   16.921  -5.133  1.00 17.34 ? 46  LEU B CG  1 
ATOM   346 C  CD1 . LEU B 1 22 ? 3.422   16.766  -5.509  1.00 18.82 ? 46  LEU B CD1 1 
ATOM   347 C  CD2 . LEU B 1 22 ? 1.784   18.029  -4.104  1.00 19.36 ? 46  LEU B CD2 1 
HETATM 348 N  N   . NH2 B 1 23 ? -1.470  16.832  -8.386  1.00 16.36 ? 47  NH2 B N   1 
ATOM   349 N  N   . PRO C 1 1  ? 1.973   -16.605 6.069   1.00 12.40 ? 25  PRO C N   1 
ATOM   350 C  CA  . PRO C 1 1  ? 0.866   -16.311 5.161   1.00 12.05 ? 25  PRO C CA  1 
ATOM   351 C  C   . PRO C 1 1  ? 0.396   -14.855 5.200   1.00 11.85 ? 25  PRO C C   1 
ATOM   352 O  O   . PRO C 1 1  ? 0.014   -14.320 4.160   1.00 12.04 ? 25  PRO C O   1 
ATOM   353 C  CB  . PRO C 1 1  ? -0.225  -17.271 5.630   1.00 12.23 ? 25  PRO C CB  1 
ATOM   354 C  CG  . PRO C 1 1  ? 0.566   -18.482 6.040   1.00 12.80 ? 25  PRO C CG  1 
ATOM   355 C  CD  . PRO C 1 1  ? 1.791   -17.918 6.724   1.00 12.45 ? 25  PRO C CD  1 
ATOM   356 N  N   . LEU C 1 2  ? 0.450   -14.220 6.372   1.00 11.23 ? 26  LEU C N   1 
ATOM   357 C  CA  . LEU C 1 2  ? 0.097   -12.797 6.487   1.00 10.86 ? 26  LEU C CA  1 
ATOM   358 C  C   . LEU C 1 2  ? 0.949   -11.920 5.565   1.00 10.51 ? 26  LEU C C   1 
ATOM   359 O  O   . LEU C 1 2  ? 0.435   -11.011 4.907   1.00 10.07 ? 26  LEU C O   1 
ATOM   360 C  CB  . LEU C 1 2  ? 0.221   -12.316 7.935   1.00 10.97 ? 26  LEU C CB  1 
ATOM   361 C  CG  . LEU C 1 2  ? 0.084   -10.811 8.199   1.00 11.64 ? 26  LEU C CG  1 
ATOM   362 C  CD1 . LEU C 1 2  ? -1.313  -10.290 7.844   1.00 12.35 ? 26  LEU C CD1 1 
ATOM   363 C  CD2 . LEU C 1 2  ? 0.441   -10.463 9.642   1.00 11.68 ? 26  LEU C CD2 1 
ATOM   364 N  N   . VAL C 1 3  ? 2.254   -12.181 5.552   1.00 10.55 ? 27  VAL C N   1 
ATOM   365 C  CA  . VAL C 1 3  ? 3.198   -11.401 4.749   1.00 10.80 ? 27  VAL C CA  1 
ATOM   366 C  C   . VAL C 1 3  ? 3.010   -11.680 3.255   1.00 10.47 ? 27  VAL C C   1 
ATOM   367 O  O   . VAL C 1 3  ? 3.032   -10.754 2.443   1.00 10.21 ? 27  VAL C O   1 
ATOM   368 C  CB  . VAL C 1 3  ? 4.666   -11.659 5.183   1.00 10.98 ? 27  VAL C CB  1 
ATOM   369 C  CG1 . VAL C 1 3  ? 5.655   -10.941 4.260   1.00 12.24 ? 27  VAL C CG1 1 
ATOM   370 C  CG2 . VAL C 1 3  ? 4.867   -11.218 6.624   1.00 11.58 ? 27  VAL C CG2 1 
ATOM   371 N  N   . VAL C 1 4  ? 2.814   -12.951 2.902   1.00 10.02 ? 28  VAL C N   1 
ATOM   372 C  CA  . VAL C 1 4  ? 2.534   -13.342 1.520   1.00 10.08 ? 28  VAL C CA  1 
ATOM   373 C  C   . VAL C 1 4  ? 1.249   -12.667 1.034   1.00 9.69  ? 28  VAL C C   1 
ATOM   374 O  O   . VAL C 1 4  ? 1.228   -12.073 -0.045  1.00 8.95  ? 28  VAL C O   1 
ATOM   375 C  CB  . VAL C 1 4  ? 2.441   -14.881 1.378   1.00 10.06 ? 28  VAL C CB  1 
ATOM   376 C  CG1 . VAL C 1 4  ? 2.019   -15.282 -0.034  1.00 10.66 ? 28  VAL C CG1 1 
ATOM   377 C  CG2 . VAL C 1 4  ? 3.775   -15.517 1.723   1.00 11.09 ? 28  VAL C CG2 1 
ATOM   378 N  N   . ALA C 1 5  ? 0.196   -12.749 1.852   1.00 9.48  ? 29  ALA C N   1 
ATOM   379 C  CA  . ALA C 1 5  ? -1.082  -12.105 1.549   1.00 9.61  ? 29  ALA C CA  1 
ATOM   380 C  C   . ALA C 1 5  ? -0.932  -10.600 1.365   1.00 9.44  ? 29  ALA C C   1 
ATOM   381 O  O   . ALA C 1 5  ? -1.419  -10.047 0.379   1.00 9.73  ? 29  ALA C O   1 
ATOM   382 C  CB  . ALA C 1 5  ? -2.111  -12.399 2.638   1.00 9.60  ? 29  ALA C CB  1 
ATOM   383 N  N   . ALA C 1 6  ? -0.255  -9.942  2.302   1.00 9.22  ? 30  ALA C N   1 
ATOM   384 C  CA  . ALA C 1 6  ? -0.070  -8.496  2.226   1.00 9.30  ? 30  ALA C CA  1 
ATOM   385 C  C   . ALA C 1 6  ? 0.714   -8.083  0.981   1.00 9.62  ? 30  ALA C C   1 
ATOM   386 O  O   . ALA C 1 6  ? 0.417   -7.048  0.379   1.00 9.58  ? 30  ALA C O   1 
ATOM   387 C  CB  . ALA C 1 6  ? 0.603   -7.969  3.494   1.00 9.52  ? 30  ALA C CB  1 
ATOM   388 N  N   . SER C 1 7  ? 1.696   -8.902  0.597   1.00 9.68  ? 31  SER C N   1 
ATOM   389 C  CA  . SER C 1 7  ? 2.509   -8.649  -0.592  1.00 9.83  ? 31  SER C CA  1 
ATOM   390 C  C   . SER C 1 7  ? 1.668   -8.718  -1.864  1.00 9.83  ? 31  SER C C   1 
ATOM   391 O  O   . SER C 1 7  ? 1.734   -7.825  -2.712  1.00 9.63  ? 31  SER C O   1 
ATOM   392 C  CB  . SER C 1 7  ? 3.671   -9.639  -0.664  1.00 9.77  ? 31  SER C CB  1 
ATOM   393 O  OG  . SER C 1 7  ? 4.589   -9.409  0.393   1.00 10.17 ? 31  SER C OG  1 
ATOM   394 N  N   . ILE C 1 8  ? 0.859   -9.770  -1.972  1.00 9.49  ? 32  ILE C N   1 
ATOM   395 C  CA  . ILE C 1 8  ? -0.070  -9.917  -3.088  1.00 9.92  ? 32  ILE C CA  1 
ATOM   396 C  C   . ILE C 1 8  ? -1.037  -8.730  -3.126  1.00 10.05 ? 32  ILE C C   1 
ATOM   397 O  O   . ILE C 1 8  ? -1.289  -8.144  -4.185  1.00 9.95  ? 32  ILE C O   1 
ATOM   398 C  CB  . ILE C 1 8  ? -0.833  -11.256 -2.982  1.00 9.78  ? 32  ILE C CB  1 
ATOM   399 C  CG1 . ILE C 1 8  ? 0.153   -12.415 -3.176  1.00 10.71 ? 32  ILE C CG1 1 
ATOM   400 C  CG2 . ILE C 1 8  ? -1.985  -11.317 -4.000  1.00 10.67 ? 32  ILE C CG2 1 
ATOM   401 C  CD1 . ILE C 1 8  ? -0.321  -13.741 -2.625  1.00 11.09 ? 32  ILE C CD1 1 
ATOM   402 N  N   . ILE C 1 9  ? -1.557  -8.375  -1.955  1.00 10.44 ? 33  ILE C N   1 
ATOM   403 C  CA  . ILE C 1 9  ? -2.498  -7.257  -1.826  1.00 11.23 ? 33  ILE C CA  1 
ATOM   404 C  C   . ILE C 1 9  ? -1.888  -5.912  -2.224  1.00 11.29 ? 33  ILE C C   1 
ATOM   405 O  O   . ILE C 1 9  ? -2.550  -5.108  -2.879  1.00 11.29 ? 33  ILE C O   1 
ATOM   406 C  CB  . ILE C 1 9  ? -3.120  -7.214  -0.400  1.00 11.41 ? 33  ILE C CB  1 
ATOM   407 C  CG1 . ILE C 1 9  ? -4.136  -8.361  -0.216  1.00 12.42 ? 33  ILE C CG1 1 
ATOM   408 C  CG2 . ILE C 1 9  ? -3.748  -5.851  -0.093  1.00 12.14 ? 33  ILE C CG2 1 
ATOM   409 C  CD1 . ILE C 1 9  ? -5.064  -8.600  -1.387  1.00 15.07 ? 33  ILE C CD1 1 
ATOM   410 N  N   . ALA C 1 10 ? -0.635  -5.673  -1.840  1.00 11.52 ? 34  ALA C N   1 
ATOM   411 C  CA  . ALA C 1 10 ? 0.065   -4.437  -2.237  1.00 11.81 ? 34  ALA C CA  1 
ATOM   412 C  C   . ALA C 1 10 ? 0.153   -4.309  -3.758  1.00 11.71 ? 34  ALA C C   1 
ATOM   413 O  O   . ALA C 1 10 ? -0.068  -3.228  -4.318  1.00 11.75 ? 34  ALA C O   1 
ATOM   414 C  CB  . ALA C 1 10 ? 1.460   -4.372  -1.611  1.00 11.95 ? 34  ALA C CB  1 
ATOM   415 N  N   . ILE C 1 11 ? 0.464   -5.419  -4.418  1.00 11.44 ? 35  ILE C N   1 
ATOM   416 C  CA  . ILE C 1 11 ? 0.592   -5.454  -5.870  1.00 11.26 ? 35  ILE C CA  1 
ATOM   417 C  C   . ILE C 1 11 ? -0.775  -5.243  -6.523  1.00 10.69 ? 35  ILE C C   1 
ATOM   418 O  O   . ILE C 1 11 ? -0.916  -4.420  -7.441  1.00 10.36 ? 35  ILE C O   1 
ATOM   419 C  CB  . ILE C 1 11 ? 1.281   -6.764  -6.341  1.00 11.65 ? 35  ILE C CB  1 
ATOM   420 C  CG1 . ILE C 1 11 ? 2.735   -6.795  -5.835  1.00 11.87 ? 35  ILE C CG1 1 
ATOM   421 C  CG2 . ILE C 1 11 ? 1.226   -6.897  -7.868  1.00 12.33 ? 35  ILE C CG2 1 
ATOM   422 C  CD1 . ILE C 1 11 ? 3.411   -8.159  -5.851  1.00 13.61 ? 35  ILE C CD1 1 
ATOM   423 N  N   . LEU C 1 12 ? -1.783  -5.962  -6.030  1.00 10.09 ? 36  LEU C N   1 
ATOM   424 C  CA  . LEU C 1 12 ? -3.154  -5.783  -6.504  1.00 9.64  ? 36  LEU C CA  1 
ATOM   425 C  C   . LEU C 1 12 ? -3.638  -4.341  -6.303  1.00 9.50  ? 36  LEU C C   1 
ATOM   426 O  O   . LEU C 1 12 ? -4.262  -3.767  -7.194  1.00 9.35  ? 36  LEU C O   1 
ATOM   427 C  CB  . LEU C 1 12 ? -4.101  -6.774  -5.816  1.00 9.62  ? 36  LEU C CB  1 
ATOM   428 C  CG  . LEU C 1 12 ? -5.600  -6.657  -6.119  1.00 9.83  ? 36  LEU C CG  1 
ATOM   429 C  CD1 . LEU C 1 12 ? -5.909  -7.081  -7.555  1.00 10.43 ? 36  LEU C CD1 1 
ATOM   430 C  CD2 . LEU C 1 12 ? -6.416  -7.485  -5.129  1.00 9.78  ? 36  LEU C CD2 1 
ATOM   431 N  N   . HIS C 1 13 ? -3.345  -3.763  -5.142  1.00 9.29  ? 37  HIS C N   1 
ATOM   432 C  CA  . HIS C 1 13 ? -3.769  -2.398  -4.837  1.00 9.62  ? 37  HIS C CA  1 
ATOM   433 C  C   . HIS C 1 13 ? -3.201  -1.412  -5.863  1.00 9.54  ? 37  HIS C C   1 
ATOM   434 O  O   . HIS C 1 13 ? -3.930  -0.564  -6.385  1.00 9.07  ? 37  HIS C O   1 
ATOM   435 C  CB  . HIS C 1 13 ? -3.341  -2.004  -3.413  1.00 9.95  ? 37  HIS C CB  1 
ATOM   436 C  CG  . HIS C 1 13 ? -3.972  -0.739  -2.907  1.00 10.81 ? 37  HIS C CG  1 
ATOM   437 N  ND1 . HIS C 1 13 ? -3.795  -0.295  -1.613  1.00 11.96 ? 37  HIS C ND1 1 
ATOM   438 C  CD2 . HIS C 1 13 ? -4.787  0.165   -3.506  1.00 10.94 ? 37  HIS C CD2 1 
ATOM   439 C  CE1 . HIS C 1 13 ? -4.455  0.838   -1.445  1.00 11.61 ? 37  HIS C CE1 1 
ATOM   440 N  NE2 . HIS C 1 13 ? -5.069  1.135   -2.576  1.00 10.79 ? 37  HIS C NE2 1 
ATOM   441 N  N   . LEU C 1 14 ? -1.913  -1.533  -6.174  1.00 9.38  ? 38  LEU C N   1 
ATOM   442 C  CA  . LEU C 1 14 ? -1.317  -0.649  -7.181  1.00 9.68  ? 38  LEU C CA  1 
ATOM   443 C  C   . LEU C 1 14 ? -2.004  -0.807  -8.545  1.00 9.37  ? 38  LEU C C   1 
ATOM   444 O  O   . LEU C 1 14 ? -2.362  0.188   -9.186  1.00 9.13  ? 38  LEU C O   1 
ATOM   445 C  CB  . LEU C 1 14 ? 0.202   -0.854  -7.304  1.00 10.27 ? 38  LEU C CB  1 
ATOM   446 C  CG  . LEU C 1 14 ? 0.878   0.015   -8.382  1.00 11.82 ? 38  LEU C CG  1 
ATOM   447 C  CD1 . LEU C 1 14 ? 0.825   1.488   -8.010  1.00 12.31 ? 38  LEU C CD1 1 
ATOM   448 C  CD2 . LEU C 1 14 ? 2.301   -0.411  -8.689  1.00 14.34 ? 38  LEU C CD2 1 
ATOM   449 N  N   . ILE C 1 15 ? -2.196  -2.053  -8.977  1.00 9.30  ? 39  ILE C N   1 
ATOM   450 C  CA  . ILE C 1 15 ? -2.846  -2.320  -10.263 1.00 9.27  ? 39  ILE C CA  1 
ATOM   451 C  C   . ILE C 1 15 ? -4.239  -1.685  -10.327 1.00 9.41  ? 39  ILE C C   1 
ATOM   452 O  O   . ILE C 1 15 ? -4.553  -0.973  -11.276 1.00 8.86  ? 39  ILE C O   1 
ATOM   453 C  CB  . ILE C 1 15 ? -2.915  -3.836  -10.558 1.00 9.46  ? 39  ILE C CB  1 
ATOM   454 C  CG1 . ILE C 1 15 ? -1.498  -4.371  -10.810 1.00 10.18 ? 39  ILE C CG1 1 
ATOM   455 C  CG2 . ILE C 1 15 ? -3.839  -4.116  -11.754 1.00 9.55  ? 39  ILE C CG2 1 
ATOM   456 C  CD1 . ILE C 1 15 ? -1.372  -5.895  -10.776 1.00 11.76 ? 39  ILE C CD1 1 
ATOM   457 N  N   . LEU C 1 16 ? -5.056  -1.943  -9.307  1.00 9.19  ? 40  LEU C N   1 
ATOM   458 C  CA  . LEU C 1 16 ? -6.414  -1.399  -9.234  1.00 9.48  ? 40  LEU C CA  1 
ATOM   459 C  C   . LEU C 1 16 ? -6.432  0.124   -9.214  1.00 9.43  ? 40  LEU C C   1 
ATOM   460 O  O   . LEU C 1 16 ? -7.272  0.750   -9.868  1.00 9.55  ? 40  LEU C O   1 
ATOM   461 C  CB  . LEU C 1 16 ? -7.148  -1.942  -8.006  1.00 9.41  ? 40  LEU C CB  1 
ATOM   462 C  CG  . LEU C 1 16 ? -7.408  -3.447  -7.961  1.00 10.07 ? 40  LEU C CG  1 
ATOM   463 C  CD1 . LEU C 1 16 ? -8.117  -3.816  -6.662  1.00 10.07 ? 40  LEU C CD1 1 
ATOM   464 C  CD2 . LEU C 1 16 ? -8.218  -3.897  -9.173  1.00 11.20 ? 40  LEU C CD2 1 
ATOM   465 N  N   . TRP C 1 17 ? -5.502  0.712   -8.464  1.00 9.51  ? 41  TRP C N   1 
ATOM   466 C  CA  . TRP C 1 17 ? -5.439  2.161   -8.331  1.00 9.76  ? 41  TRP C CA  1 
ATOM   467 C  C   . TRP C 1 17 ? -5.060  2.820   -9.653  1.00 9.97  ? 41  TRP C C   1 
ATOM   468 O  O   . TRP C 1 17 ? -5.671  3.810   -10.040 1.00 9.82  ? 41  TRP C O   1 
ATOM   469 C  CB  . TRP C 1 17 ? -4.487  2.583   -7.209  1.00 9.94  ? 41  TRP C CB  1 
ATOM   470 C  CG  . TRP C 1 17 ? -4.368  4.073   -7.071  1.00 10.51 ? 41  TRP C CG  1 
ATOM   471 C  CD1 . TRP C 1 17 ? -5.257  4.918   -6.460  1.00 11.07 ? 41  TRP C CD1 1 
ATOM   472 C  CD2 . TRP C 1 17 ? -3.304  4.896   -7.562  1.00 10.72 ? 41  TRP C CD2 1 
ATOM   473 N  NE1 . TRP C 1 17 ? -4.803  6.219   -6.535  1.00 10.58 ? 41  TRP C NE1 1 
ATOM   474 C  CE2 . TRP C 1 17 ? -3.607  6.231   -7.207  1.00 10.86 ? 41  TRP C CE2 1 
ATOM   475 C  CE3 . TRP C 1 17 ? -2.119  4.635   -8.269  1.00 11.27 ? 41  TRP C CE3 1 
ATOM   476 C  CZ2 . TRP C 1 17 ? -2.771  7.304   -7.536  1.00 10.40 ? 41  TRP C CZ2 1 
ATOM   477 C  CZ3 . TRP C 1 17 ? -1.285  5.706   -8.593  1.00 11.89 ? 41  TRP C CZ3 1 
ATOM   478 C  CH2 . TRP C 1 17 ? -1.618  7.022   -8.227  1.00 10.73 ? 41  TRP C CH2 1 
ATOM   479 N  N   . ILE C 1 18 ? -4.079  2.256   -10.356 1.00 10.52 ? 42  ILE C N   1 
ATOM   480 C  CA  . ILE C 1 18 ? -3.720  2.757   -11.689 1.00 10.90 ? 42  ILE C CA  1 
ATOM   481 C  C   . ILE C 1 18 ? -4.932  2.677   -12.626 1.00 11.29 ? 42  ILE C C   1 
ATOM   482 O  O   . ILE C 1 18 ? -5.254  3.649   -13.313 1.00 11.06 ? 42  ILE C O   1 
ATOM   483 C  CB  . ILE C 1 18 ? -2.488  2.028   -12.286 1.00 11.24 ? 42  ILE C CB  1 
ATOM   484 C  CG1 . ILE C 1 18 ? -1.234  2.360   -11.469 1.00 10.82 ? 42  ILE C CG1 1 
ATOM   485 C  CG2 . ILE C 1 18 ? -2.267  2.426   -13.756 1.00 11.54 ? 42  ILE C CG2 1 
ATOM   486 C  CD1 . ILE C 1 18 ? -0.010  1.507   -11.808 1.00 11.05 ? 42  ILE C CD1 1 
ATOM   487 N  N   . LEU C 1 19 ? -5.616  1.532   -12.623 1.00 11.20 ? 43  LEU C N   1 
ATOM   488 C  CA  . LEU C 1 19 ? -6.796  1.338   -13.476 1.00 11.77 ? 43  LEU C CA  1 
ATOM   489 C  C   . LEU C 1 19 ? -7.922  2.311   -13.140 1.00 12.43 ? 43  LEU C C   1 
ATOM   490 O  O   . LEU C 1 19 ? -8.598  2.817   -14.040 1.00 12.80 ? 43  LEU C O   1 
ATOM   491 C  CB  . LEU C 1 19 ? -7.291  -0.108  -13.406 1.00 11.45 ? 43  LEU C CB  1 
ATOM   492 C  CG  . LEU C 1 19 ? -6.365  -1.145  -14.047 1.00 10.82 ? 43  LEU C CG  1 
ATOM   493 C  CD1 . LEU C 1 19 ? -6.768  -2.561  -13.639 1.00 10.40 ? 43  LEU C CD1 1 
ATOM   494 C  CD2 . LEU C 1 19 ? -6.322  -1.004  -15.573 1.00 11.53 ? 43  LEU C CD2 1 
ATOM   495 N  N   . ASP C 1 20 ? -8.101  2.576   -11.847 1.00 13.34 ? 44  ASP C N   1 
ATOM   496 C  CA  . ASP C 1 20 ? -9.073  3.558   -11.374 1.00 14.52 ? 44  ASP C CA  1 
ATOM   497 C  C   . ASP C 1 20 ? -8.739  4.974   -11.856 1.00 14.86 ? 44  ASP C C   1 
ATOM   498 O  O   . ASP C 1 20 ? -9.633  5.707   -12.288 1.00 14.83 ? 44  ASP C O   1 
ATOM   499 C  CB  . ASP C 1 20 ? -9.171  3.534   -9.845  1.00 14.97 ? 44  ASP C CB  1 
ATOM   500 C  CG  . ASP C 1 20 ? -10.096 4.610   -9.304  1.00 16.97 ? 44  ASP C CG  1 
ATOM   501 O  OD1 . ASP C 1 20 ? -11.325 4.482   -9.468  1.00 20.10 ? 44  ASP C OD1 1 
ATOM   502 O  OD2 . ASP C 1 20 ? -9.586  5.593   -8.729  1.00 20.65 ? 44  ASP C OD2 1 
ATOM   503 N  N   . ARG C 1 21 ? -7.463  5.354   -11.787 1.00 15.55 ? 45  ARG C N   1 
ATOM   504 C  CA  . ARG C 1 21 ? -7.050  6.695   -12.212 1.00 16.44 ? 45  ARG C CA  1 
ATOM   505 C  C   . ARG C 1 21 ? -7.191  6.881   -13.724 1.00 16.64 ? 45  ARG C C   1 
ATOM   506 O  O   . ARG C 1 21 ? -7.554  7.962   -14.187 1.00 16.99 ? 45  ARG C O   1 
ATOM   507 C  CB  . ARG C 1 21 ? -5.625  7.033   -11.746 1.00 16.65 ? 45  ARG C CB  1 
ATOM   508 C  CG  . ARG C 1 21 ? -5.413  6.993   -10.223 1.00 18.10 ? 45  ARG C CG  1 
ATOM   509 C  CD  . ARG C 1 21 ? -6.582  7.592   -9.440  1.00 20.87 ? 45  ARG C CD  1 
ATOM   510 N  NE  . ARG C 1 21 ? -6.627  9.047   -9.522  1.00 24.60 ? 45  ARG C NE  1 
ATOM   511 C  CZ  . ARG C 1 21 ? -7.710  9.782   -9.280  1.00 26.32 ? 45  ARG C CZ  1 
ATOM   512 N  NH1 . ARG C 1 21 ? -8.860  9.200   -8.954  1.00 27.63 ? 45  ARG C NH1 1 
ATOM   513 N  NH2 . ARG C 1 21 ? -7.647  11.104  -9.383  1.00 27.38 ? 45  ARG C NH2 1 
ATOM   514 N  N   . LEU C 1 22 ? -6.923  5.821   -14.482 1.00 16.84 ? 46  LEU C N   1 
ATOM   515 C  CA  . LEU C 1 22 ? -7.075  5.856   -15.943 1.00 16.93 ? 46  LEU C CA  1 
ATOM   516 C  C   . LEU C 1 22 ? -8.538  5.894   -16.361 1.00 17.09 ? 46  LEU C C   1 
ATOM   517 O  O   . LEU C 1 22 ? -8.867  6.359   -17.458 1.00 17.85 ? 46  LEU C O   1 
ATOM   518 C  CB  . LEU C 1 22 ? -6.366  4.664   -16.595 1.00 16.77 ? 46  LEU C CB  1 
ATOM   519 C  CG  . LEU C 1 22 ? -4.836  4.594   -16.534 1.00 16.70 ? 46  LEU C CG  1 
ATOM   520 C  CD1 . LEU C 1 22 ? -4.352  3.289   -17.146 1.00 16.57 ? 46  LEU C CD1 1 
ATOM   521 C  CD2 . LEU C 1 22 ? -4.169  5.790   -17.227 1.00 16.64 ? 46  LEU C CD2 1 
HETATM 522 N  N   . NH2 C 1 23 ? -9.400  5.416   -15.476 1.00 16.73 ? 47  NH2 C N   1 
ATOM   523 N  N   . PRO D 1 1  ? 7.219   -7.089  14.828  1.00 13.86 ? 25  PRO D N   1 
ATOM   524 C  CA  . PRO D 1 1  ? 5.966   -6.343  14.866  1.00 13.22 ? 25  PRO D CA  1 
ATOM   525 C  C   . PRO D 1 1  ? 5.835   -5.277  13.784  1.00 12.70 ? 25  PRO D C   1 
ATOM   526 O  O   . PRO D 1 1  ? 4.720   -5.006  13.357  1.00 12.78 ? 25  PRO D O   1 
ATOM   527 C  CB  . PRO D 1 1  ? 5.991   -5.703  16.258  1.00 13.18 ? 25  PRO D CB  1 
ATOM   528 C  CG  . PRO D 1 1  ? 6.690   -6.731  17.088  1.00 13.74 ? 25  PRO D CG  1 
ATOM   529 C  CD  . PRO D 1 1  ? 7.754   -7.302  16.189  1.00 13.54 ? 25  PRO D CD  1 
ATOM   530 N  N   . LEU D 1 2  ? 6.941   -4.673  13.346  1.00 12.30 ? 26  LEU D N   1 
ATOM   531 C  CA  . LEU D 1 2  ? 6.860   -3.680  12.270  1.00 12.20 ? 26  LEU D CA  1 
ATOM   532 C  C   . LEU D 1 2  ? 6.293   -4.301  10.991  1.00 12.19 ? 26  LEU D C   1 
ATOM   533 O  O   . LEU D 1 2  ? 5.403   -3.727  10.356  1.00 12.16 ? 26  LEU D O   1 
ATOM   534 C  CB  . LEU D 1 2  ? 8.220   -3.025  11.991  1.00 12.30 ? 26  LEU D CB  1 
ATOM   535 C  CG  . LEU D 1 2  ? 8.337   -2.185  10.707  1.00 12.44 ? 26  LEU D CG  1 
ATOM   536 C  CD1 . LEU D 1 2  ? 7.447   -0.949  10.741  1.00 12.79 ? 26  LEU D CD1 1 
ATOM   537 C  CD2 . LEU D 1 2  ? 9.785   -1.789  10.428  1.00 13.52 ? 26  LEU D CD2 1 
ATOM   538 N  N   . VAL D 1 3  ? 6.815   -5.469  10.625  1.00 12.15 ? 27  VAL D N   1 
ATOM   539 C  CA  . VAL D 1 3  ? 6.382   -6.170  9.413   1.00 12.37 ? 27  VAL D CA  1 
ATOM   540 C  C   . VAL D 1 3  ? 4.947   -6.699  9.544   1.00 12.05 ? 27  VAL D C   1 
ATOM   541 O  O   . VAL D 1 3  ? 4.159   -6.599  8.598   1.00 12.11 ? 27  VAL D O   1 
ATOM   542 C  CB  . VAL D 1 3  ? 7.378   -7.293  9.017   1.00 12.77 ? 27  VAL D CB  1 
ATOM   543 C  CG1 . VAL D 1 3  ? 6.906   -8.024  7.760   1.00 14.05 ? 27  VAL D CG1 1 
ATOM   544 C  CG2 . VAL D 1 3  ? 8.758   -6.703  8.780   1.00 13.55 ? 27  VAL D CG2 1 
ATOM   545 N  N   . VAL D 1 4  ? 4.607   -7.242  10.715  1.00 11.54 ? 28  VAL D N   1 
ATOM   546 C  CA  . VAL D 1 4  ? 3.233   -7.678  11.004  1.00 11.04 ? 28  VAL D CA  1 
ATOM   547 C  C   . VAL D 1 4  ? 2.267   -6.500  10.867  1.00 10.65 ? 28  VAL D C   1 
ATOM   548 O  O   . VAL D 1 4  ? 1.262   -6.589  10.156  1.00 9.97  ? 28  VAL D O   1 
ATOM   549 C  CB  . VAL D 1 4  ? 3.122   -8.327  12.419  1.00 11.40 ? 28  VAL D CB  1 
ATOM   550 C  CG1 . VAL D 1 4  ? 1.667   -8.644  12.779  1.00 11.80 ? 28  VAL D CG1 1 
ATOM   551 C  CG2 . VAL D 1 4  ? 3.976   -9.585  12.487  1.00 11.99 ? 28  VAL D CG2 1 
ATOM   552 N  N   . ALA D 1 5  ? 2.590   -5.387  11.530  1.00 10.13 ? 29  ALA D N   1 
ATOM   553 C  CA  . ALA D 1 5  ? 1.733   -4.205  11.497  1.00 9.67  ? 29  ALA D CA  1 
ATOM   554 C  C   . ALA D 1 5  ? 1.571   -3.646  10.083  1.00 9.47  ? 29  ALA D C   1 
ATOM   555 O  O   . ALA D 1 5  ? 0.462   -3.296  9.684   1.00 9.10  ? 29  ALA D O   1 
ATOM   556 C  CB  . ALA D 1 5  ? 2.252   -3.132  12.448  1.00 9.88  ? 29  ALA D CB  1 
ATOM   557 N  N   . ALA D 1 6  ? 2.667   -3.583  9.327   1.00 9.20  ? 30  ALA D N   1 
ATOM   558 C  CA  . ALA D 1 6  ? 2.614   -3.067  7.957   1.00 9.12  ? 30  ALA D CA  1 
ATOM   559 C  C   . ALA D 1 6  ? 1.763   -3.967  7.065   1.00 9.08  ? 30  ALA D C   1 
ATOM   560 O  O   . ALA D 1 6  ? 1.037   -3.479  6.195   1.00 9.12  ? 30  ALA D O   1 
ATOM   561 C  CB  . ALA D 1 6  ? 4.012   -2.916  7.380   1.00 9.45  ? 30  ALA D CB  1 
ATOM   562 N  N   . SER D 1 7  ? 1.856   -5.275  7.296   1.00 8.71  ? 31  SER D N   1 
ATOM   563 C  CA  . SER D 1 7  ? 1.074   -6.253  6.551   1.00 9.07  ? 31  SER D CA  1 
ATOM   564 C  C   . SER D 1 7  ? -0.413  -6.089  6.834   1.00 8.89  ? 31  SER D C   1 
ATOM   565 O  O   . SER D 1 7  ? -1.226  -6.050  5.911   1.00 8.70  ? 31  SER D O   1 
ATOM   566 C  CB  . SER D 1 7  ? 1.540   -7.674  6.876   1.00 9.05  ? 31  SER D CB  1 
ATOM   567 O  OG  . SER D 1 7  ? 2.878   -7.848  6.445   1.00 10.37 ? 31  SER D OG  1 
ATOM   568 N  N   . ILE D 1 8  ? -0.766  -5.967  8.115   1.00 8.89  ? 32  ILE D N   1 
ATOM   569 C  CA  . ILE D 1 8  ? -2.150  -5.700  8.508   1.00 8.77  ? 32  ILE D CA  1 
ATOM   570 C  C   . ILE D 1 8  ? -2.650  -4.411  7.858   1.00 9.36  ? 32  ILE D C   1 
ATOM   571 O  O   . ILE D 1 8  ? -3.759  -4.361  7.317   1.00 8.86  ? 32  ILE D O   1 
ATOM   572 C  CB  . ILE D 1 8  ? -2.282  -5.619  10.049  1.00 9.14  ? 32  ILE D CB  1 
ATOM   573 C  CG1 . ILE D 1 8  ? -1.982  -6.989  10.664  1.00 9.18  ? 32  ILE D CG1 1 
ATOM   574 C  CG2 . ILE D 1 8  ? -3.665  -5.101  10.467  1.00 8.58  ? 32  ILE D CG2 1 
ATOM   575 C  CD1 . ILE D 1 8  ? -1.792  -6.966  12.180  1.00 10.24 ? 32  ILE D CD1 1 
ATOM   576 N  N   . ILE D 1 9  ? -1.813  -3.378  7.906   1.00 9.07  ? 33  ILE D N   1 
ATOM   577 C  CA  . ILE D 1 9  ? -2.171  -2.063  7.380   1.00 9.94  ? 33  ILE D CA  1 
ATOM   578 C  C   . ILE D 1 9  ? -2.343  -2.065  5.862   1.00 10.04 ? 33  ILE D C   1 
ATOM   579 O  O   . ILE D 1 9  ? -3.255  -1.419  5.343   1.00 9.91  ? 33  ILE D O   1 
ATOM   580 C  CB  . ILE D 1 9  ? -1.188  -0.971  7.888   1.00 10.09 ? 33  ILE D CB  1 
ATOM   581 C  CG1 . ILE D 1 9  ? -1.619  -0.545  9.299   1.00 11.34 ? 33  ILE D CG1 1 
ATOM   582 C  CG2 . ILE D 1 9  ? -1.165  0.241   6.962   1.00 11.04 ? 33  ILE D CG2 1 
ATOM   583 C  CD1 . ILE D 1 9  ? -0.514  0.014   10.171  1.00 13.69 ? 33  ILE D CD1 1 
ATOM   584 N  N   . ALA D 1 10 ? -1.492  -2.812  5.161   1.00 10.15 ? 34  ALA D N   1 
ATOM   585 C  CA  . ALA D 1 10 ? -1.622  -2.956  3.704   1.00 10.28 ? 34  ALA D CA  1 
ATOM   586 C  C   . ALA D 1 10 ? -2.974  -3.570  3.317   1.00 10.19 ? 34  ALA D C   1 
ATOM   587 O  O   . ALA D 1 10 ? -3.618  -3.128  2.357   1.00 10.00 ? 34  ALA D O   1 
ATOM   588 C  CB  . ALA D 1 10 ? -0.472  -3.779  3.133   1.00 10.75 ? 34  ALA D CB  1 
ATOM   589 N  N   . ILE D 1 11 ? -3.398  -4.585  4.071   1.00 9.65  ? 35  ILE D N   1 
ATOM   590 C  CA  . ILE D 1 11 ? -4.688  -5.239  3.838   1.00 9.41  ? 35  ILE D CA  1 
ATOM   591 C  C   . ILE D 1 11 ? -5.827  -4.271  4.162   1.00 9.07  ? 35  ILE D C   1 
ATOM   592 O  O   . ILE D 1 11 ? -6.748  -4.109  3.365   1.00 8.79  ? 35  ILE D O   1 
ATOM   593 C  CB  . ILE D 1 11 ? -4.818  -6.569  4.637   1.00 9.47  ? 35  ILE D CB  1 
ATOM   594 C  CG1 . ILE D 1 11 ? -3.746  -7.566  4.169   1.00 10.17 ? 35  ILE D CG1 1 
ATOM   595 C  CG2 . ILE D 1 11 ? -6.235  -7.162  4.493   1.00 9.46  ? 35  ILE D CG2 1 
ATOM   596 C  CD1 . ILE D 1 11 ? -3.607  -8.816  5.034   1.00 10.65 ? 35  ILE D CD1 1 
ATOM   597 N  N   . LEU D 1 12 ? -5.741  -3.609  5.315   1.00 8.64  ? 36  LEU D N   1 
ATOM   598 C  CA  . LEU D 1 12 ? -6.748  -2.617  5.701   1.00 8.82  ? 36  LEU D CA  1 
ATOM   599 C  C   . LEU D 1 12 ? -6.857  -1.492  4.670   1.00 8.84  ? 36  LEU D C   1 
ATOM   600 O  O   . LEU D 1 12 ? -7.959  -1.081  4.306   1.00 8.55  ? 36  LEU D O   1 
ATOM   601 C  CB  . LEU D 1 12 ? -6.444  -2.038  7.086   1.00 8.81  ? 36  LEU D CB  1 
ATOM   602 C  CG  . LEU D 1 12 ? -7.372  -0.921  7.578   1.00 9.09  ? 36  LEU D CG  1 
ATOM   603 C  CD1 . LEU D 1 12 ? -8.829  -1.387  7.649   1.00 10.14 ? 36  LEU D CD1 1 
ATOM   604 C  CD2 . LEU D 1 12 ? -6.897  -0.410  8.939   1.00 11.28 ? 36  LEU D CD2 1 
ATOM   605 N  N   . HIS D 1 13 ? -5.711  -0.999  4.210   1.00 9.08  ? 37  HIS D N   1 
ATOM   606 C  CA  . HIS D 1 13 ? -5.685  0.098   3.241   1.00 9.42  ? 37  HIS D CA  1 
ATOM   607 C  C   . HIS D 1 13 ? -6.454  -0.256  1.963   1.00 9.55  ? 37  HIS D C   1 
ATOM   608 O  O   . HIS D 1 13 ? -7.244  0.548   1.475   1.00 9.89  ? 37  HIS D O   1 
ATOM   609 C  CB  . HIS D 1 13 ? -4.238  0.482   2.911   1.00 9.50  ? 37  HIS D CB  1 
ATOM   610 C  CG  . HIS D 1 13 ? -4.103  1.761   2.143   1.00 9.93  ? 37  HIS D CG  1 
ATOM   611 N  ND1 . HIS D 1 13 ? -2.878  2.337   1.885   1.00 10.89 ? 37  HIS D ND1 1 
ATOM   612 C  CD2 . HIS D 1 13 ? -5.027  2.580   1.585   1.00 10.90 ? 37  HIS D CD2 1 
ATOM   613 C  CE1 . HIS D 1 13 ? -3.052  3.446   1.187   1.00 11.27 ? 37  HIS D CE1 1 
ATOM   614 N  NE2 . HIS D 1 13 ? -4.348  3.618   0.996   1.00 11.16 ? 37  HIS D NE2 1 
ATOM   615 N  N   . LEU D 1 14 ? -6.234  -1.453  1.426   1.00 9.88  ? 38  LEU D N   1 
ATOM   616 C  CA  . LEU D 1 14 ? -6.972  -1.882  0.232   1.00 10.02 ? 38  LEU D CA  1 
ATOM   617 C  C   . LEU D 1 14 ? -8.477  -1.986  0.497   1.00 10.04 ? 38  LEU D C   1 
ATOM   618 O  O   . LEU D 1 14 ? -9.284  -1.507  -0.307  1.00 9.97  ? 38  LEU D O   1 
ATOM   619 C  CB  . LEU D 1 14 ? -6.433  -3.199  -0.331  1.00 10.00 ? 38  LEU D CB  1 
ATOM   620 C  CG  . LEU D 1 14 ? -7.160  -3.682  -1.599  1.00 11.04 ? 38  LEU D CG  1 
ATOM   621 C  CD1 . LEU D 1 14 ? -7.120  -2.641  -2.716  1.00 12.69 ? 38  LEU D CD1 1 
ATOM   622 C  CD2 . LEU D 1 14 ? -6.585  -4.981  -2.091  1.00 13.69 ? 38  LEU D CD2 1 
ATOM   623 N  N   . ILE D 1 15 ? -8.849  -2.595  1.623   1.00 10.11 ? 39  ILE D N   1 
ATOM   624 C  CA  . ILE D 1 15 ? -10.265 -2.706  2.000   1.00 10.44 ? 39  ILE D CA  1 
ATOM   625 C  C   . ILE D 1 15 ? -10.924 -1.325  2.052   1.00 10.58 ? 39  ILE D C   1 
ATOM   626 O  O   . ILE D 1 15 ? -11.981 -1.106  1.450   1.00 10.51 ? 39  ILE D O   1 
ATOM   627 C  CB  . ILE D 1 15 ? -10.455 -3.455  3.342   1.00 10.51 ? 39  ILE D CB  1 
ATOM   628 C  CG1 . ILE D 1 15 ? -10.004 -4.918  3.194   1.00 11.30 ? 39  ILE D CG1 1 
ATOM   629 C  CG2 . ILE D 1 15 ? -11.920 -3.351  3.821   1.00 11.00 ? 39  ILE D CG2 1 
ATOM   630 C  CD1 . ILE D 1 15 ? -9.908  -5.702  4.511   1.00 12.02 ? 39  ILE D CD1 1 
ATOM   631 N  N   . LEU D 1 16 ? -10.280 -0.390  2.748   1.00 10.62 ? 40  LEU D N   1 
ATOM   632 C  CA  . LEU D 1 16 ? -10.789 0.975   2.855   1.00 11.08 ? 40  LEU D CA  1 
ATOM   633 C  C   . LEU D 1 16 ? -10.891 1.668   1.500   1.00 11.67 ? 40  LEU D C   1 
ATOM   634 O  O   . LEU D 1 16 ? -11.890 2.333   1.214   1.00 12.24 ? 40  LEU D O   1 
ATOM   635 C  CB  . LEU D 1 16 ? -9.915  1.805   3.792   1.00 10.63 ? 40  LEU D CB  1 
ATOM   636 C  CG  . LEU D 1 16 ? -9.954  1.485   5.284   1.00 11.28 ? 40  LEU D CG  1 
ATOM   637 C  CD1 . LEU D 1 16 ? -8.893  2.307   5.979   1.00 11.44 ? 40  LEU D CD1 1 
ATOM   638 C  CD2 . LEU D 1 16 ? -11.339 1.764   5.872   1.00 11.82 ? 40  LEU D CD2 1 
ATOM   639 N  N   . TRP D 1 17 ? -9.864  1.505   0.668   1.00 12.08 ? 41  TRP D N   1 
ATOM   640 C  CA  . TRP D 1 17 ? -9.837  2.178   -0.628  1.00 13.17 ? 41  TRP D CA  1 
ATOM   641 C  C   . TRP D 1 17 ? -10.939 1.659   -1.558  1.00 13.68 ? 41  TRP D C   1 
ATOM   642 O  O   . TRP D 1 17 ? -11.641 2.454   -2.192  1.00 14.08 ? 41  TRP D O   1 
ATOM   643 C  CB  . TRP D 1 17 ? -8.448  2.086   -1.275  1.00 13.02 ? 41  TRP D CB  1 
ATOM   644 C  CG  . TRP D 1 17 ? -8.394  2.735   -2.622  1.00 13.56 ? 41  TRP D CG  1 
ATOM   645 C  CD1 . TRP D 1 17 ? -8.259  4.070   -2.890  1.00 13.38 ? 41  TRP D CD1 1 
ATOM   646 C  CD2 . TRP D 1 17 ? -8.498  2.079   -3.890  1.00 13.80 ? 41  TRP D CD2 1 
ATOM   647 N  NE1 . TRP D 1 17 ? -8.268  4.283   -4.247  1.00 13.60 ? 41  TRP D NE1 1 
ATOM   648 C  CE2 . TRP D 1 17 ? -8.412  3.078   -4.885  1.00 14.00 ? 41  TRP D CE2 1 
ATOM   649 C  CE3 . TRP D 1 17 ? -8.652  0.741   -4.282  1.00 14.24 ? 41  TRP D CE3 1 
ATOM   650 C  CZ2 . TRP D 1 17 ? -8.475  2.782   -6.255  1.00 14.45 ? 41  TRP D CZ2 1 
ATOM   651 C  CZ3 . TRP D 1 17 ? -8.713  0.446   -5.641  1.00 14.72 ? 41  TRP D CZ3 1 
ATOM   652 C  CH2 . TRP D 1 17 ? -8.626  1.463   -6.609  1.00 14.46 ? 41  TRP D CH2 1 
ATOM   653 N  N   . ILE D 1 18 ? -11.108 0.339   -1.618  1.00 14.70 ? 42  ILE D N   1 
ATOM   654 C  CA  . ILE D 1 18 ? -12.184 -0.265  -2.420  1.00 15.69 ? 42  ILE D CA  1 
ATOM   655 C  C   . ILE D 1 18 ? -13.548 0.269   -1.968  1.00 16.65 ? 42  ILE D C   1 
ATOM   656 O  O   . ILE D 1 18 ? -14.357 0.691   -2.798  1.00 16.80 ? 42  ILE D O   1 
ATOM   657 C  CB  . ILE D 1 18 ? -12.157 -1.816  -2.376  1.00 15.63 ? 42  ILE D CB  1 
ATOM   658 C  CG1 . ILE D 1 18 ? -10.905 -2.347  -3.079  1.00 15.52 ? 42  ILE D CG1 1 
ATOM   659 C  CG2 . ILE D 1 18 ? -13.416 -2.407  -3.033  1.00 15.86 ? 42  ILE D CG2 1 
ATOM   660 C  CD1 . ILE D 1 18 ? -10.695 -3.854  -2.946  1.00 15.32 ? 42  ILE D CD1 1 
ATOM   661 N  N   . LEU D 1 19 ? -13.782 0.272   -0.655  1.00 17.58 ? 43  LEU D N   1 
ATOM   662 C  CA  . LEU D 1 19 ? -15.039 0.776   -0.094  1.00 19.07 ? 43  LEU D CA  1 
ATOM   663 C  C   . LEU D 1 19 ? -15.259 2.266   -0.357  1.00 19.96 ? 43  LEU D C   1 
ATOM   664 O  O   . LEU D 1 19 ? -16.388 2.689   -0.626  1.00 20.09 ? 43  LEU D O   1 
ATOM   665 C  CB  . LEU D 1 19 ? -15.133 0.475   1.406   1.00 19.12 ? 43  LEU D CB  1 
ATOM   666 C  CG  . LEU D 1 19 ? -15.337 -0.993  1.787   1.00 19.64 ? 43  LEU D CG  1 
ATOM   667 C  CD1 . LEU D 1 19 ? -15.249 -1.163  3.302   1.00 19.66 ? 43  LEU D CD1 1 
ATOM   668 C  CD2 . LEU D 1 19 ? -16.661 -1.541  1.258   1.00 20.80 ? 43  LEU D CD2 1 
ATOM   669 N  N   . ASP D 1 20 ? -14.184 3.050   -0.281  1.00 20.94 ? 44  ASP D N   1 
ATOM   670 C  CA  . ASP D 1 20 ? -14.232 4.480   -0.591  1.00 22.30 ? 44  ASP D CA  1 
ATOM   671 C  C   . ASP D 1 20 ? -14.646 4.734   -2.040  1.00 23.16 ? 44  ASP D C   1 
ATOM   672 O  O   . ASP D 1 20 ? -15.465 5.614   -2.310  1.00 23.08 ? 44  ASP D O   1 
ATOM   673 C  CB  . ASP D 1 20 ? -12.879 5.143   -0.319  1.00 22.28 ? 44  ASP D CB  1 
ATOM   674 C  CG  . ASP D 1 20 ? -12.894 6.639   -0.590  1.00 23.32 ? 44  ASP D CG  1 
ATOM   675 O  OD1 . ASP D 1 20 ? -13.653 7.360   0.095   1.00 24.57 ? 44  ASP D OD1 1 
ATOM   676 O  OD2 . ASP D 1 20 ? -12.148 7.095   -1.486  1.00 23.87 ? 44  ASP D OD2 1 
ATOM   677 N  N   . ARG D 1 21 ? -14.070 3.969   -2.963  1.00 24.44 ? 45  ARG D N   1 
ATOM   678 C  CA  . ARG D 1 21 ? -14.387 4.112   -4.384  1.00 25.95 ? 45  ARG D CA  1 
ATOM   679 C  C   . ARG D 1 21 ? -15.814 3.658   -4.702  1.00 26.80 ? 45  ARG D C   1 
ATOM   680 O  O   . ARG D 1 21 ? -16.534 4.340   -5.434  1.00 27.17 ? 45  ARG D O   1 
ATOM   681 C  CB  . ARG D 1 21 ? -13.364 3.374   -5.257  1.00 26.08 ? 45  ARG D CB  1 
ATOM   682 C  CG  . ARG D 1 21 ? -11.926 3.907   -5.151  1.00 26.98 ? 45  ARG D CG  1 
ATOM   683 C  CD  . ARG D 1 21 ? -11.841 5.428   -5.305  1.00 29.12 ? 45  ARG D CD  1 
ATOM   684 N  NE  . ARG D 1 21 ? -12.109 5.868   -6.675  1.00 30.80 ? 45  ARG D NE  1 
ATOM   685 C  CZ  . ARG D 1 21 ? -12.188 7.140   -7.059  1.00 32.35 ? 45  ARG D CZ  1 
ATOM   686 N  NH1 . ARG D 1 21 ? -12.024 8.122   -6.181  1.00 33.21 ? 45  ARG D NH1 1 
ATOM   687 N  NH2 . ARG D 1 21 ? -12.432 7.436   -8.329  1.00 33.17 ? 45  ARG D NH2 1 
ATOM   688 N  N   . LEU D 1 22 ? -16.207 2.533   -4.171  1.00 27.78 ? 46  LEU D N   1 
ATOM   689 C  CA  . LEU D 1 22 ? -17.565 2.083   -4.340  1.00 28.77 ? 46  LEU D CA  1 
ATOM   690 C  C   . LEU D 1 22 ? -18.539 2.944   -3.554  1.00 29.22 ? 46  LEU D C   1 
ATOM   691 O  O   . LEU D 1 22 ? -19.693 3.035   -3.941  1.00 29.70 ? 46  LEU D O   1 
ATOM   692 C  CB  . LEU D 1 22 ? -17.684 0.642   -3.887  1.00 29.00 ? 46  LEU D CB  1 
ATOM   693 C  CG  . LEU D 1 22 ? -17.163 -0.379  -4.839  1.00 29.90 ? 46  LEU D CG  1 
ATOM   694 C  CD1 . LEU D 1 22 ? -17.377 -1.799  -4.412  1.00 30.62 ? 46  LEU D CD1 1 
ATOM   695 C  CD2 . LEU D 1 22 ? -17.766 -0.161  -6.144  1.00 30.78 ? 46  LEU D CD2 1 
HETATM 696 N  N   . NH2 D 1 23 ? -18.057 3.744   -2.627  1.00 29.63 ? 47  NH2 D N   1 
HETATM 697 C  C1  . Z82 E 2 .  ? 16.130  -6.621  4.814   1.00 21.74 ? 24  Z82 A C1  1 
HETATM 698 O  O1  . Z82 E 2 .  ? 14.711  -4.841  5.137   1.00 20.41 ? 24  Z82 A O1  1 
HETATM 699 C  C2  . Z82 E 2 .  ? 17.055  -7.147  3.911   1.00 22.25 ? 24  Z82 A C2  1 
HETATM 700 C  C3  . Z82 E 2 .  ? 17.295  -8.519  3.891   1.00 23.42 ? 24  Z82 A C3  1 
HETATM 701 C  C4  . Z82 E 2 .  ? 16.598  -9.353  4.765   1.00 23.57 ? 24  Z82 A C4  1 
HETATM 702 BR BR4 . Z82 E 2 .  ? 16.911  -11.213 4.735   0.70 25.96 ? 24  Z82 A BR4 1 
HETATM 703 C  C5  . Z82 E 2 .  ? 15.667  -8.831  5.659   1.00 22.95 ? 24  Z82 A C5  1 
HETATM 704 C  C6  . Z82 E 2 .  ? 15.433  -7.460  5.685   1.00 21.67 ? 24  Z82 A C6  1 
HETATM 705 C  C7  . Z82 E 2 .  ? 15.861  -5.166  4.856   1.00 20.17 ? 24  Z82 A C7  1 
HETATM 706 C  C1  . PEG F 3 .  ? 15.252  -7.430  0.349   1.00 52.89 ? 48  PEG A C1  1 
HETATM 707 O  O1  . PEG F 3 .  ? 16.427  -7.102  -0.402  1.00 52.59 ? 48  PEG A O1  1 
HETATM 708 C  C2  . PEG F 3 .  ? 15.259  -8.911  0.711   1.00 52.81 ? 48  PEG A C2  1 
HETATM 709 O  O2  . PEG F 3 .  ? 14.307  -9.140  1.748   1.00 53.09 ? 48  PEG A O2  1 
HETATM 710 C  C3  . PEG F 3 .  ? 13.579  -10.352 1.558   1.00 53.09 ? 48  PEG A C3  1 
HETATM 711 C  C4  . PEG F 3 .  ? 13.432  -11.070 2.894   1.00 53.19 ? 48  PEG A C4  1 
HETATM 712 O  O4  . PEG F 3 .  ? 12.455  -10.400 3.699   1.00 53.41 ? 48  PEG A O4  1 
HETATM 713 C  C1  . Z82 G 2 .  ? 11.448  -13.846 -1.351  1.00 21.99 ? 24  Z82 B C1  1 
HETATM 714 O  O1  . Z82 G 2 .  ? 10.938  -11.761 -2.175  1.00 19.26 ? 24  Z82 B O1  1 
HETATM 715 C  C2  . Z82 G 2 .  ? 10.844  -15.103 -1.342  1.00 23.52 ? 24  Z82 B C2  1 
HETATM 716 C  C3  . Z82 G 2 .  ? 11.072  -15.966 -0.275  1.00 25.12 ? 24  Z82 B C3  1 
HETATM 717 C  C4  . Z82 G 2 .  ? 11.888  -15.552 0.776   1.00 26.13 ? 24  Z82 B C4  1 
HETATM 718 BR BR4 . Z82 G 2 .  ? 12.198  -16.710 2.225   0.80 30.46 ? 24  Z82 B BR4 1 
HETATM 719 C  C5  . Z82 G 2 .  ? 12.487  -14.297 0.776   1.00 25.37 ? 24  Z82 B C5  1 
HETATM 720 C  C6  . Z82 G 2 .  ? 12.261  -13.441 -0.297  1.00 23.45 ? 24  Z82 B C6  1 
HETATM 721 C  C7  . Z82 G 2 .  ? 11.222  -12.912 -2.475  1.00 19.07 ? 24  Z82 B C7  1 
HETATM 722 C  C1  . XYL H 4 .  ? 14.177  8.071   -4.555  1.00 45.42 ? 48  XYL B C1  1 
HETATM 723 C  C2  . XYL H 4 .  ? 14.190  8.393   -6.052  1.00 45.58 ? 48  XYL B C2  1 
HETATM 724 C  C3  . XYL H 4 .  ? 12.871  8.977   -6.588  1.00 45.70 ? 48  XYL B C3  1 
HETATM 725 C  C4  . XYL H 4 .  ? 12.546  10.411  -6.133  1.00 45.51 ? 48  XYL B C4  1 
HETATM 726 C  C5  . XYL H 4 .  ? 11.399  10.997  -6.951  1.00 45.44 ? 48  XYL B C5  1 
HETATM 727 O  O1  . XYL H 4 .  ? 14.296  6.656   -4.352  1.00 44.99 ? 48  XYL B O1  1 
HETATM 728 O  O2  . XYL H 4 .  ? 15.282  9.277   -6.351  1.00 45.92 ? 48  XYL B O2  1 
HETATM 729 O  O3  . XYL H 4 .  ? 11.786  8.090   -6.280  1.00 46.65 ? 48  XYL B O3  1 
HETATM 730 O  O4  . XYL H 4 .  ? 12.189  10.457  -4.746  1.00 45.83 ? 48  XYL B O4  1 
HETATM 731 O  O5  . XYL H 4 .  ? 11.215  12.386  -6.652  1.00 44.81 ? 48  XYL B O5  1 
HETATM 732 C  C1  . Z82 I 2 .  ? 4.292   -16.136 6.809   1.00 15.28 ? 24  Z82 C C1  1 
HETATM 733 O  O1  . Z82 I 2 .  ? 3.214   -15.022 5.101   1.00 12.91 ? 24  Z82 C O1  1 
HETATM 734 C  C2  . Z82 I 2 .  ? 5.561   -16.087 6.235   1.00 16.61 ? 24  Z82 C C2  1 
HETATM 735 C  C3  . Z82 I 2 .  ? 6.684   -16.306 7.030   1.00 18.46 ? 24  Z82 C C3  1 
HETATM 736 C  C4  . Z82 I 2 .  ? 6.533   -16.572 8.386   1.00 18.58 ? 24  Z82 C C4  1 
HETATM 737 BR BR4 . Z82 I 2 .  ? 8.062   -16.868 9.457   0.80 21.72 ? 24  Z82 C BR4 1 
HETATM 738 C  C5  . Z82 I 2 .  ? 5.270   -16.620 8.967   1.00 17.73 ? 24  Z82 C C5  1 
HETATM 739 C  C6  . Z82 I 2 .  ? 4.146   -16.399 8.174   1.00 15.93 ? 24  Z82 C C6  1 
HETATM 740 C  C7  . Z82 I 2 .  ? 3.110   -15.903 5.952   1.00 12.88 ? 24  Z82 C C7  1 
HETATM 741 C  C1  . PEG J 3 .  ? 8.991   -13.123 4.750   1.00 52.38 ? 49  PEG C C1  1 
HETATM 742 O  O1  . PEG J 3 .  ? 9.317   -11.749 4.507   1.00 52.32 ? 49  PEG C O1  1 
HETATM 743 C  C2  . PEG J 3 .  ? 9.091   -13.910 3.448   1.00 52.48 ? 49  PEG C C2  1 
HETATM 744 O  O2  . PEG J 3 .  ? 7.927   -14.722 3.292   1.00 52.63 ? 49  PEG C O2  1 
HETATM 745 C  C3  . PEG J 3 .  ? 7.598   -14.910 1.917   1.00 52.74 ? 49  PEG C C3  1 
HETATM 746 C  C4  . PEG J 3 .  ? 7.478   -16.397 1.605   1.00 52.84 ? 49  PEG C C4  1 
HETATM 747 O  O4  . PEG J 3 .  ? 6.960   -16.551 0.280   1.00 53.25 ? 49  PEG C O4  1 
HETATM 748 C  C1  . PEG K 3 .  ? 3.932   -13.369 10.206  1.00 43.55 ? 50  PEG C C1  1 
HETATM 749 O  O1  . PEG K 3 .  ? 5.294   -13.007 10.469  1.00 43.44 ? 50  PEG C O1  1 
HETATM 750 C  C2  . PEG K 3 .  ? 3.332   -14.041 11.436  1.00 43.77 ? 50  PEG C C2  1 
HETATM 751 O  O2  . PEG K 3 .  ? 2.742   -15.287 11.072  1.00 43.61 ? 50  PEG C O2  1 
HETATM 752 C  C3  . PEG K 3 .  ? 2.487   -16.100 12.216  1.00 43.93 ? 50  PEG C C3  1 
HETATM 753 C  C4  . PEG K 3 .  ? 1.591   -17.265 11.815  1.00 44.02 ? 50  PEG C C4  1 
HETATM 754 O  O4  . PEG K 3 .  ? 2.263   -18.057 10.831  1.00 43.82 ? 50  PEG C O4  1 
HETATM 755 C  C1  . Z82 L 2 .  ? 8.904   -8.539  13.652  1.00 20.39 ? 24  Z82 D C1  1 
HETATM 756 O  O1  . Z82 L 2 .  ? 6.945   -7.737  12.737  1.00 14.63 ? 24  Z82 D O1  1 
HETATM 757 C  C2  . Z82 L 2 .  ? 8.918   -9.760  12.974  1.00 21.84 ? 24  Z82 D C2  1 
HETATM 758 C  C3  . Z82 L 2 .  ? 10.104  -10.484 12.869  1.00 24.22 ? 24  Z82 D C3  1 
HETATM 759 C  C4  . Z82 L 2 .  ? 11.274  -9.986  13.440  1.00 25.02 ? 24  Z82 D C4  1 
HETATM 760 BR BR4 . Z82 L 2 .  ? 12.886  -10.964 13.301  0.70 29.76 ? 24  Z82 D BR4 1 
HETATM 761 C  C5  . Z82 L 2 .  ? 11.265  -8.768  14.116  1.00 23.95 ? 24  Z82 D C5  1 
HETATM 762 C  C6  . Z82 L 2 .  ? 10.080  -8.043  14.217  1.00 20.93 ? 24  Z82 D C6  1 
HETATM 763 C  C7  . Z82 L 2 .  ? 7.634   -7.778  13.750  1.00 15.90 ? 24  Z82 D C7  1 
HETATM 764 O  O   . HOH M 5 .  ? -0.525  1.086   2.972   1.00 14.95 ? 100 HOH A O   1 
HETATM 765 O  O   . HOH M 5 .  ? 17.420  -4.804  1.270   1.00 20.57 ? 101 HOH A O   1 
HETATM 766 O  O   . HOH M 5 .  ? -9.228  7.300   -2.813  1.00 21.47 ? 102 HOH A O   1 
HETATM 767 O  O   . HOH M 5 .  ? -3.812  5.514   -1.533  1.00 31.94 ? 103 HOH A O   1 
HETATM 768 O  O   . HOH N 5 .  ? 2.431   2.167   -0.249  1.00 17.73 ? 104 HOH B O   1 
HETATM 769 O  O   . HOH N 5 .  ? -5.787  8.918   -5.912  1.00 19.30 ? 105 HOH B O   1 
HETATM 770 O  O   . HOH N 5 .  ? -5.055  18.402  -6.785  1.00 50.72 ? 106 HOH B O   1 
HETATM 771 O  O   . HOH N 5 .  ? -6.723  9.681   -2.582  1.00 20.20 ? 107 HOH B O   1 
HETATM 772 O  O   . HOH N 5 .  ? -4.318  3.958   -3.579  1.00 27.95 ? 108 HOH B O   1 
HETATM 773 O  O   . HOH N 5 .  ? -5.595  14.227  -9.308  1.00 36.09 ? 109 HOH B O   1 
HETATM 774 O  O   . HOH N 5 .  ? 8.416   -15.356 -4.057  1.00 22.72 ? 110 HOH B O   1 
HETATM 775 O  O   . HOH N 5 .  ? -8.315  9.223   -4.849  1.00 53.57 ? 111 HOH B O   1 
HETATM 776 O  O   . HOH N 5 .  ? 1.387   0.212   1.202   0.60 12.20 ? 112 HOH B O   1 
HETATM 777 O  O   . HOH N 5 .  ? 9.283   -18.197 -2.912  1.00 41.97 ? 113 HOH B O   1 
HETATM 778 O  O   . HOH O 5 .  ? 0.336   -15.696 8.925   1.00 13.74 ? 114 HOH C O   1 
HETATM 779 O  O   . HOH O 5 .  ? -12.645 5.941   -11.838 1.00 47.82 ? 115 HOH C O   1 
HETATM 780 O  O   . HOH O 5 .  ? -11.288 1.771   -13.971 1.00 13.74 ? 116 HOH C O   1 
HETATM 781 O  O   . HOH O 5 .  ? 0.559   -0.944  -2.957  1.00 12.93 ? 117 HOH C O   1 
HETATM 782 O  O   . HOH O 5 .  ? -12.529 5.900   -16.306 1.00 24.54 ? 118 HOH C O   1 
HETATM 783 O  O   . HOH P 5 .  ? -2.393  -1.979  0.226   1.00 15.77 ? 119 HOH D O   1 
HETATM 784 O  O   . HOH P 5 .  ? -8.214  6.587   -6.026  1.00 22.63 ? 120 HOH D O   1 
HETATM 785 O  O   . HOH P 5 .  ? -18.888 1.485   0.271   1.00 43.83 ? 121 HOH D O   1 
HETATM 786 O  O   . HOH P 5 .  ? 0.216   -1.588  -0.339  0.60 12.80 ? 122 HOH D O   1 
# 
loop_
_pdbx_poly_seq_scheme.asym_id 
_pdbx_poly_seq_scheme.entity_id 
_pdbx_poly_seq_scheme.seq_id 
_pdbx_poly_seq_scheme.mon_id 
_pdbx_poly_seq_scheme.ndb_seq_num 
_pdbx_poly_seq_scheme.pdb_seq_num 
_pdbx_poly_seq_scheme.auth_seq_num 
_pdbx_poly_seq_scheme.pdb_mon_id 
_pdbx_poly_seq_scheme.auth_mon_id 
_pdbx_poly_seq_scheme.pdb_strand_id 
_pdbx_poly_seq_scheme.pdb_ins_code 
_pdbx_poly_seq_scheme.hetero 
A 1 1  PRO 1  25 25 PRO PRO A . n 
A 1 2  LEU 2  26 26 LEU LEU A . n 
A 1 3  VAL 3  27 27 VAL VAL A . n 
A 1 4  VAL 4  28 28 VAL VAL A . n 
A 1 5  ALA 5  29 29 ALA ALA A . n 
A 1 6  ALA 6  30 30 ALA ALA A . n 
A 1 7  SER 7  31 31 SER SER A . n 
A 1 8  ILE 8  32 32 ILE ILE A . n 
A 1 9  ILE 9  33 33 ILE ILE A . n 
A 1 10 ALA 10 34 34 ALA ALA A . n 
A 1 11 ILE 11 35 35 ILE ILE A . n 
A 1 12 LEU 12 36 36 LEU LEU A . n 
A 1 13 HIS 13 37 37 HIS HIS A . n 
A 1 14 LEU 14 38 38 LEU LEU A . n 
A 1 15 ILE 15 39 39 ILE ILE A . n 
A 1 16 LEU 16 40 40 LEU LEU A . n 
A 1 17 TRP 17 41 41 TRP TRP A . n 
A 1 18 ILE 18 42 42 ILE ILE A . n 
A 1 19 LEU 19 43 43 LEU LEU A . n 
A 1 20 ASP 20 44 44 ASP ASP A . n 
A 1 21 ARG 21 45 45 ARG ARG A . n 
A 1 22 LEU 22 46 46 LEU LEU A . n 
A 1 23 NH2 23 47 47 NH2 NH2 A . n 
B 1 1  PRO 1  25 25 PRO PRO B . n 
B 1 2  LEU 2  26 26 LEU LEU B . n 
B 1 3  VAL 3  27 27 VAL VAL B . n 
B 1 4  VAL 4  28 28 VAL VAL B . n 
B 1 5  ALA 5  29 29 ALA ALA B . n 
B 1 6  ALA 6  30 30 ALA ALA B . n 
B 1 7  SER 7  31 31 SER SER B . n 
B 1 8  ILE 8  32 32 ILE ILE B . n 
B 1 9  ILE 9  33 33 ILE ILE B . n 
B 1 10 ALA 10 34 34 ALA ALA B . n 
B 1 11 ILE 11 35 35 ILE ILE B . n 
B 1 12 LEU 12 36 36 LEU LEU B . n 
B 1 13 HIS 13 37 37 HIS HIS B . n 
B 1 14 LEU 14 38 38 LEU LEU B . n 
B 1 15 ILE 15 39 39 ILE ILE B . n 
B 1 16 LEU 16 40 40 LEU LEU B . n 
B 1 17 TRP 17 41 41 TRP TRP B . n 
B 1 18 ILE 18 42 42 ILE ILE B . n 
B 1 19 LEU 19 43 43 LEU LEU B . n 
B 1 20 ASP 20 44 44 ASP ASP B . n 
B 1 21 ARG 21 45 45 ARG ARG B . n 
B 1 22 LEU 22 46 46 LEU LEU B . n 
B 1 23 NH2 23 47 47 NH2 NH2 B . n 
C 1 1  PRO 1  25 25 PRO PRO C . n 
C 1 2  LEU 2  26 26 LEU LEU C . n 
C 1 3  VAL 3  27 27 VAL VAL C . n 
C 1 4  VAL 4  28 28 VAL VAL C . n 
C 1 5  ALA 5  29 29 ALA ALA C . n 
C 1 6  ALA 6  30 30 ALA ALA C . n 
C 1 7  SER 7  31 31 SER SER C . n 
C 1 8  ILE 8  32 32 ILE ILE C . n 
C 1 9  ILE 9  33 33 ILE ILE C . n 
C 1 10 ALA 10 34 34 ALA ALA C . n 
C 1 11 ILE 11 35 35 ILE ILE C . n 
C 1 12 LEU 12 36 36 LEU LEU C . n 
C 1 13 HIS 13 37 37 HIS HIS C . n 
C 1 14 LEU 14 38 38 LEU LEU C . n 
C 1 15 ILE 15 39 39 ILE ILE C . n 
C 1 16 LEU 16 40 40 LEU LEU C . n 
C 1 17 TRP 17 41 41 TRP TRP C . n 
C 1 18 ILE 18 42 42 ILE ILE C . n 
C 1 19 LEU 19 43 43 LEU LEU C . n 
C 1 20 ASP 20 44 44 ASP ASP C . n 
C 1 21 ARG 21 45 45 ARG ARG C . n 
C 1 22 LEU 22 46 46 LEU LEU C . n 
C 1 23 NH2 23 47 47 NH2 NH2 C . n 
D 1 1  PRO 1  25 25 PRO PRO D . n 
D 1 2  LEU 2  26 26 LEU LEU D . n 
D 1 3  VAL 3  27 27 VAL VAL D . n 
D 1 4  VAL 4  28 28 VAL VAL D . n 
D 1 5  ALA 5  29 29 ALA ALA D . n 
D 1 6  ALA 6  30 30 ALA ALA D . n 
D 1 7  SER 7  31 31 SER SER D . n 
D 1 8  ILE 8  32 32 ILE ILE D . n 
D 1 9  ILE 9  33 33 ILE ILE D . n 
D 1 10 ALA 10 34 34 ALA ALA D . n 
D 1 11 ILE 11 35 35 ILE ILE D . n 
D 1 12 LEU 12 36 36 LEU LEU D . n 
D 1 13 HIS 13 37 37 HIS HIS D . n 
D 1 14 LEU 14 38 38 LEU LEU D . n 
D 1 15 ILE 15 39 39 ILE ILE D . n 
D 1 16 LEU 16 40 40 LEU LEU D . n 
D 1 17 TRP 17 41 41 TRP TRP D . n 
D 1 18 ILE 18 42 42 ILE ILE D . n 
D 1 19 LEU 19 43 43 LEU LEU D . n 
D 1 20 ASP 20 44 44 ASP ASP D . n 
D 1 21 ARG 21 45 45 ARG ARG D . n 
D 1 22 LEU 22 46 46 LEU LEU D . n 
D 1 23 NH2 23 47 47 NH2 NH2 D . n 
# 
loop_
_pdbx_nonpoly_scheme.asym_id 
_pdbx_nonpoly_scheme.entity_id 
_pdbx_nonpoly_scheme.mon_id 
_pdbx_nonpoly_scheme.ndb_seq_num 
_pdbx_nonpoly_scheme.pdb_seq_num 
_pdbx_nonpoly_scheme.auth_seq_num 
_pdbx_nonpoly_scheme.pdb_mon_id 
_pdbx_nonpoly_scheme.auth_mon_id 
_pdbx_nonpoly_scheme.pdb_strand_id 
_pdbx_nonpoly_scheme.pdb_ins_code 
E 2 Z82 1  24  24  Z82 Z82 A . 
F 3 PEG 1  48  48  PEG PEG A . 
G 2 Z82 1  24  24  Z82 Z82 B . 
H 4 XYL 1  48  48  XYL XYL B . 
I 2 Z82 1  24  24  Z82 Z82 C . 
J 3 PEG 1  49  49  PEG PEG C . 
K 3 PEG 1  50  50  PEG PEG C . 
L 2 Z82 1  24  24  Z82 Z82 D . 
M 5 HOH 1  100 100 HOH HOH A . 
M 5 HOH 2  101 101 HOH HOH A . 
M 5 HOH 3  102 102 HOH HOH A . 
M 5 HOH 4  103 103 HOH HOH A . 
N 5 HOH 1  104 104 HOH HOH B . 
N 5 HOH 2  105 105 HOH HOH B . 
N 5 HOH 3  106 106 HOH HOH B . 
N 5 HOH 4  107 107 HOH HOH B . 
N 5 HOH 5  108 108 HOH HOH B . 
N 5 HOH 6  109 109 HOH HOH B . 
N 5 HOH 7  110 110 HOH HOH B . 
N 5 HOH 8  111 111 HOH HOH B . 
N 5 HOH 9  112 112 HOH HOH B . 
N 5 HOH 10 113 113 HOH HOH B . 
O 5 HOH 1  114 114 HOH HOH C . 
O 5 HOH 2  115 115 HOH HOH C . 
O 5 HOH 3  116 116 HOH HOH C . 
O 5 HOH 4  117 117 HOH HOH C . 
O 5 HOH 5  118 118 HOH HOH C . 
P 5 HOH 1  119 119 HOH HOH D . 
P 5 HOH 2  120 120 HOH HOH D . 
P 5 HOH 3  121 121 HOH HOH D . 
P 5 HOH 4  122 122 HOH HOH D . 
# 
_pdbx_struct_assembly.id                   1 
_pdbx_struct_assembly.details              author_and_software_defined_assembly 
_pdbx_struct_assembly.method_details       PISA 
_pdbx_struct_assembly.oligomeric_details   tetrameric 
_pdbx_struct_assembly.oligomeric_count     4 
# 
_pdbx_struct_assembly_gen.assembly_id       1 
_pdbx_struct_assembly_gen.oper_expression   1 
_pdbx_struct_assembly_gen.asym_id_list      A,B,C,D,E,F,G,H,I,J,K,L,M,N,O,P 
# 
loop_
_pdbx_struct_assembly_prop.biol_id 
_pdbx_struct_assembly_prop.type 
_pdbx_struct_assembly_prop.value 
_pdbx_struct_assembly_prop.details 
1 'ABSA (A^2)' 4280 ? 
1 MORE         -39  ? 
1 'SSA (A^2)'  5450 ? 
# 
_pdbx_struct_oper_list.id                   1 
_pdbx_struct_oper_list.type                 'identity operation' 
_pdbx_struct_oper_list.name                 1_555 
_pdbx_struct_oper_list.symmetry_operation   x,y,z 
_pdbx_struct_oper_list.matrix[1][1]         1.0000000000 
_pdbx_struct_oper_list.matrix[1][2]         0.0000000000 
_pdbx_struct_oper_list.matrix[1][3]         0.0000000000 
_pdbx_struct_oper_list.vector[1]            0.0000000000 
_pdbx_struct_oper_list.matrix[2][1]         0.0000000000 
_pdbx_struct_oper_list.matrix[2][2]         1.0000000000 
_pdbx_struct_oper_list.matrix[2][3]         0.0000000000 
_pdbx_struct_oper_list.vector[2]            0.0000000000 
_pdbx_struct_oper_list.matrix[3][1]         0.0000000000 
_pdbx_struct_oper_list.matrix[3][2]         0.0000000000 
_pdbx_struct_oper_list.matrix[3][3]         1.0000000000 
_pdbx_struct_oper_list.vector[3]            0.0000000000 
# 
loop_
_pdbx_audit_revision_history.ordinal 
_pdbx_audit_revision_history.data_content_type 
_pdbx_audit_revision_history.major_revision 
_pdbx_audit_revision_history.minor_revision 
_pdbx_audit_revision_history.revision_date 
1 'Structure model' 1 0 2010-07-28 
2 'Structure model' 1 1 2011-07-13 
3 'Structure model' 1 2 2011-08-10 
4 'Structure model' 1 3 2020-07-29 
5 'Structure model' 1 4 2021-10-13 
6 'Structure model' 1 5 2023-09-06 
# 
loop_
_pdbx_audit_revision_details.ordinal 
_pdbx_audit_revision_details.revision_ordinal 
_pdbx_audit_revision_details.data_content_type 
_pdbx_audit_revision_details.provider 
_pdbx_audit_revision_details.type 
_pdbx_audit_revision_details.description 
_pdbx_audit_revision_details.details 
1 1 'Structure model' repository 'Initial release' ?                          ? 
2 4 'Structure model' repository Remediation       'Carbohydrate remediation' ? 
# 
loop_
_pdbx_audit_revision_group.ordinal 
_pdbx_audit_revision_group.revision_ordinal 
_pdbx_audit_revision_group.data_content_type 
_pdbx_audit_revision_group.group 
1 2 'Structure model' 'Version format compliance' 
2 3 'Structure model' 'Database references'       
3 4 'Structure model' 'Database references'       
4 4 'Structure model' 'Derived calculations'      
5 4 'Structure model' 'Structure summary'         
6 5 'Structure model' 'Database references'       
7 5 'Structure model' 'Structure summary'         
8 6 'Structure model' 'Data collection'           
9 6 'Structure model' 'Refinement description'    
# 
loop_
_pdbx_audit_revision_category.ordinal 
_pdbx_audit_revision_category.revision_ordinal 
_pdbx_audit_revision_category.data_content_type 
_pdbx_audit_revision_category.category 
1  4 'Structure model' chem_comp                     
2  4 'Structure model' entity                        
3  4 'Structure model' pdbx_entity_nonpoly           
4  4 'Structure model' struct_conn                   
5  4 'Structure model' struct_ref_seq_dif            
6  4 'Structure model' struct_site                   
7  4 'Structure model' struct_site_gen               
8  5 'Structure model' chem_comp                     
9  5 'Structure model' database_2                    
10 5 'Structure model' struct_ref_seq_dif            
11 6 'Structure model' chem_comp_atom                
12 6 'Structure model' chem_comp_bond                
13 6 'Structure model' pdbx_initial_refinement_model 
# 
loop_
_pdbx_audit_revision_item.ordinal 
_pdbx_audit_revision_item.revision_ordinal 
_pdbx_audit_revision_item.data_content_type 
_pdbx_audit_revision_item.item 
1  4 'Structure model' '_chem_comp.name'                     
2  4 'Structure model' '_chem_comp.type'                     
3  4 'Structure model' '_entity.pdbx_description'            
4  4 'Structure model' '_pdbx_entity_nonpoly.name'           
5  4 'Structure model' '_struct_conn.pdbx_dist_value'        
6  4 'Structure model' '_struct_conn.pdbx_leaving_atom_flag' 
7  4 'Structure model' '_struct_conn.ptnr1_auth_asym_id'     
8  4 'Structure model' '_struct_conn.ptnr1_auth_comp_id'     
9  4 'Structure model' '_struct_conn.ptnr1_auth_seq_id'      
10 4 'Structure model' '_struct_conn.ptnr1_label_asym_id'    
11 4 'Structure model' '_struct_conn.ptnr1_label_atom_id'    
12 4 'Structure model' '_struct_conn.ptnr1_label_comp_id'    
13 4 'Structure model' '_struct_conn.ptnr1_label_seq_id'     
14 4 'Structure model' '_struct_conn.ptnr2_auth_asym_id'     
15 4 'Structure model' '_struct_conn.ptnr2_auth_comp_id'     
16 4 'Structure model' '_struct_conn.ptnr2_auth_seq_id'      
17 4 'Structure model' '_struct_conn.ptnr2_label_asym_id'    
18 4 'Structure model' '_struct_conn.ptnr2_label_atom_id'    
19 4 'Structure model' '_struct_conn.ptnr2_label_comp_id'    
20 4 'Structure model' '_struct_conn.ptnr2_label_seq_id'     
21 4 'Structure model' '_struct_ref_seq_dif.details'         
22 5 'Structure model' '_chem_comp.pdbx_synonyms'            
23 5 'Structure model' '_database_2.pdbx_DOI'                
24 5 'Structure model' '_database_2.pdbx_database_accession' 
25 5 'Structure model' '_struct_ref_seq_dif.details'         
# 
loop_
_software.name 
_software.classification 
_software.version 
_software.citation_id 
_software.pdbx_ordinal 
CBASS  'data collection' .        ? 1 
PHASER phasing           .        ? 2 
REFMAC refinement        5.5.0072 ? 3 
MOSFLM 'data reduction'  .        ? 4 
SCALA  'data scaling'    .        ? 5 
# 
loop_
_chem_comp_atom.comp_id 
_chem_comp_atom.atom_id 
_chem_comp_atom.type_symbol 
_chem_comp_atom.pdbx_aromatic_flag 
_chem_comp_atom.pdbx_stereo_config 
_chem_comp_atom.pdbx_ordinal 
ALA N    N  N N 1   
ALA CA   C  N S 2   
ALA C    C  N N 3   
ALA O    O  N N 4   
ALA CB   C  N N 5   
ALA OXT  O  N N 6   
ALA H    H  N N 7   
ALA H2   H  N N 8   
ALA HA   H  N N 9   
ALA HB1  H  N N 10  
ALA HB2  H  N N 11  
ALA HB3  H  N N 12  
ALA HXT  H  N N 13  
ARG N    N  N N 14  
ARG CA   C  N S 15  
ARG C    C  N N 16  
ARG O    O  N N 17  
ARG CB   C  N N 18  
ARG CG   C  N N 19  
ARG CD   C  N N 20  
ARG NE   N  N N 21  
ARG CZ   C  N N 22  
ARG NH1  N  N N 23  
ARG NH2  N  N N 24  
ARG OXT  O  N N 25  
ARG H    H  N N 26  
ARG H2   H  N N 27  
ARG HA   H  N N 28  
ARG HB2  H  N N 29  
ARG HB3  H  N N 30  
ARG HG2  H  N N 31  
ARG HG3  H  N N 32  
ARG HD2  H  N N 33  
ARG HD3  H  N N 34  
ARG HE   H  N N 35  
ARG HH11 H  N N 36  
ARG HH12 H  N N 37  
ARG HH21 H  N N 38  
ARG HH22 H  N N 39  
ARG HXT  H  N N 40  
ASP N    N  N N 41  
ASP CA   C  N S 42  
ASP C    C  N N 43  
ASP O    O  N N 44  
ASP CB   C  N N 45  
ASP CG   C  N N 46  
ASP OD1  O  N N 47  
ASP OD2  O  N N 48  
ASP OXT  O  N N 49  
ASP H    H  N N 50  
ASP H2   H  N N 51  
ASP HA   H  N N 52  
ASP HB2  H  N N 53  
ASP HB3  H  N N 54  
ASP HD2  H  N N 55  
ASP HXT  H  N N 56  
GLY N    N  N N 57  
GLY CA   C  N N 58  
GLY C    C  N N 59  
GLY O    O  N N 60  
GLY OXT  O  N N 61  
GLY H    H  N N 62  
GLY H2   H  N N 63  
GLY HA2  H  N N 64  
GLY HA3  H  N N 65  
GLY HXT  H  N N 66  
HIS N    N  N N 67  
HIS CA   C  N S 68  
HIS C    C  N N 69  
HIS O    O  N N 70  
HIS CB   C  N N 71  
HIS CG   C  Y N 72  
HIS ND1  N  Y N 73  
HIS CD2  C  Y N 74  
HIS CE1  C  Y N 75  
HIS NE2  N  Y N 76  
HIS OXT  O  N N 77  
HIS H    H  N N 78  
HIS H2   H  N N 79  
HIS HA   H  N N 80  
HIS HB2  H  N N 81  
HIS HB3  H  N N 82  
HIS HD1  H  N N 83  
HIS HD2  H  N N 84  
HIS HE1  H  N N 85  
HIS HE2  H  N N 86  
HIS HXT  H  N N 87  
HOH O    O  N N 88  
HOH H1   H  N N 89  
HOH H2   H  N N 90  
ILE N    N  N N 91  
ILE CA   C  N S 92  
ILE C    C  N N 93  
ILE O    O  N N 94  
ILE CB   C  N S 95  
ILE CG1  C  N N 96  
ILE CG2  C  N N 97  
ILE CD1  C  N N 98  
ILE OXT  O  N N 99  
ILE H    H  N N 100 
ILE H2   H  N N 101 
ILE HA   H  N N 102 
ILE HB   H  N N 103 
ILE HG12 H  N N 104 
ILE HG13 H  N N 105 
ILE HG21 H  N N 106 
ILE HG22 H  N N 107 
ILE HG23 H  N N 108 
ILE HD11 H  N N 109 
ILE HD12 H  N N 110 
ILE HD13 H  N N 111 
ILE HXT  H  N N 112 
LEU N    N  N N 113 
LEU CA   C  N S 114 
LEU C    C  N N 115 
LEU O    O  N N 116 
LEU CB   C  N N 117 
LEU CG   C  N N 118 
LEU CD1  C  N N 119 
LEU CD2  C  N N 120 
LEU OXT  O  N N 121 
LEU H    H  N N 122 
LEU H2   H  N N 123 
LEU HA   H  N N 124 
LEU HB2  H  N N 125 
LEU HB3  H  N N 126 
LEU HG   H  N N 127 
LEU HD11 H  N N 128 
LEU HD12 H  N N 129 
LEU HD13 H  N N 130 
LEU HD21 H  N N 131 
LEU HD22 H  N N 132 
LEU HD23 H  N N 133 
LEU HXT  H  N N 134 
NH2 N    N  N N 135 
NH2 HN1  H  N N 136 
NH2 HN2  H  N N 137 
PEG C1   C  N N 138 
PEG O1   O  N N 139 
PEG C2   C  N N 140 
PEG O2   O  N N 141 
PEG C3   C  N N 142 
PEG C4   C  N N 143 
PEG O4   O  N N 144 
PEG H11  H  N N 145 
PEG H12  H  N N 146 
PEG HO1  H  N N 147 
PEG H21  H  N N 148 
PEG H22  H  N N 149 
PEG H31  H  N N 150 
PEG H32  H  N N 151 
PEG H41  H  N N 152 
PEG H42  H  N N 153 
PEG HO4  H  N N 154 
PRO N    N  N N 155 
PRO CA   C  N S 156 
PRO C    C  N N 157 
PRO O    O  N N 158 
PRO CB   C  N N 159 
PRO CG   C  N N 160 
PRO CD   C  N N 161 
PRO OXT  O  N N 162 
PRO H    H  N N 163 
PRO HA   H  N N 164 
PRO HB2  H  N N 165 
PRO HB3  H  N N 166 
PRO HG2  H  N N 167 
PRO HG3  H  N N 168 
PRO HD2  H  N N 169 
PRO HD3  H  N N 170 
PRO HXT  H  N N 171 
SER N    N  N N 172 
SER CA   C  N S 173 
SER C    C  N N 174 
SER O    O  N N 175 
SER CB   C  N N 176 
SER OG   O  N N 177 
SER OXT  O  N N 178 
SER H    H  N N 179 
SER H2   H  N N 180 
SER HA   H  N N 181 
SER HB2  H  N N 182 
SER HB3  H  N N 183 
SER HG   H  N N 184 
SER HXT  H  N N 185 
TRP N    N  N N 186 
TRP CA   C  N S 187 
TRP C    C  N N 188 
TRP O    O  N N 189 
TRP CB   C  N N 190 
TRP CG   C  Y N 191 
TRP CD1  C  Y N 192 
TRP CD2  C  Y N 193 
TRP NE1  N  Y N 194 
TRP CE2  C  Y N 195 
TRP CE3  C  Y N 196 
TRP CZ2  C  Y N 197 
TRP CZ3  C  Y N 198 
TRP CH2  C  Y N 199 
TRP OXT  O  N N 200 
TRP H    H  N N 201 
TRP H2   H  N N 202 
TRP HA   H  N N 203 
TRP HB2  H  N N 204 
TRP HB3  H  N N 205 
TRP HD1  H  N N 206 
TRP HE1  H  N N 207 
TRP HE3  H  N N 208 
TRP HZ2  H  N N 209 
TRP HZ3  H  N N 210 
TRP HH2  H  N N 211 
TRP HXT  H  N N 212 
VAL N    N  N N 213 
VAL CA   C  N S 214 
VAL C    C  N N 215 
VAL O    O  N N 216 
VAL CB   C  N N 217 
VAL CG1  C  N N 218 
VAL CG2  C  N N 219 
VAL OXT  O  N N 220 
VAL H    H  N N 221 
VAL H2   H  N N 222 
VAL HA   H  N N 223 
VAL HB   H  N N 224 
VAL HG11 H  N N 225 
VAL HG12 H  N N 226 
VAL HG13 H  N N 227 
VAL HG21 H  N N 228 
VAL HG22 H  N N 229 
VAL HG23 H  N N 230 
VAL HXT  H  N N 231 
XYL C1   C  N N 232 
XYL C2   C  N S 233 
XYL C3   C  N R 234 
XYL C4   C  N R 235 
XYL C5   C  N N 236 
XYL O1   O  N N 237 
XYL O2   O  N N 238 
XYL O3   O  N N 239 
XYL O4   O  N N 240 
XYL O5   O  N N 241 
XYL H11  H  N N 242 
XYL H12  H  N N 243 
XYL H2   H  N N 244 
XYL H3   H  N N 245 
XYL H4   H  N N 246 
XYL H51  H  N N 247 
XYL H52  H  N N 248 
XYL HO1  H  N N 249 
XYL HO2  H  N N 250 
XYL HO3  H  N N 251 
XYL HO4  H  N N 252 
XYL HO5  H  N N 253 
Z82 C1   C  Y N 254 
Z82 O1   O  N N 255 
Z82 C2   C  Y N 256 
Z82 C3   C  Y N 257 
Z82 C4   C  Y N 258 
Z82 BR4  BR N N 259 
Z82 C5   C  Y N 260 
Z82 C6   C  Y N 261 
Z82 C7   C  N N 262 
Z82 H2   H  N N 263 
Z82 H3   H  N N 264 
Z82 H5   H  N N 265 
Z82 H6   H  N N 266 
Z82 O2   O  N N 267 
Z82 H51  H  N N 268 
# 
loop_
_chem_comp_bond.comp_id 
_chem_comp_bond.atom_id_1 
_chem_comp_bond.atom_id_2 
_chem_comp_bond.value_order 
_chem_comp_bond.pdbx_aromatic_flag 
_chem_comp_bond.pdbx_stereo_config 
_chem_comp_bond.pdbx_ordinal 
ALA N   CA   sing N N 1   
ALA N   H    sing N N 2   
ALA N   H2   sing N N 3   
ALA CA  C    sing N N 4   
ALA CA  CB   sing N N 5   
ALA CA  HA   sing N N 6   
ALA C   O    doub N N 7   
ALA C   OXT  sing N N 8   
ALA CB  HB1  sing N N 9   
ALA CB  HB2  sing N N 10  
ALA CB  HB3  sing N N 11  
ALA OXT HXT  sing N N 12  
ARG N   CA   sing N N 13  
ARG N   H    sing N N 14  
ARG N   H2   sing N N 15  
ARG CA  C    sing N N 16  
ARG CA  CB   sing N N 17  
ARG CA  HA   sing N N 18  
ARG C   O    doub N N 19  
ARG C   OXT  sing N N 20  
ARG CB  CG   sing N N 21  
ARG CB  HB2  sing N N 22  
ARG CB  HB3  sing N N 23  
ARG CG  CD   sing N N 24  
ARG CG  HG2  sing N N 25  
ARG CG  HG3  sing N N 26  
ARG CD  NE   sing N N 27  
ARG CD  HD2  sing N N 28  
ARG CD  HD3  sing N N 29  
ARG NE  CZ   sing N N 30  
ARG NE  HE   sing N N 31  
ARG CZ  NH1  sing N N 32  
ARG CZ  NH2  doub N N 33  
ARG NH1 HH11 sing N N 34  
ARG NH1 HH12 sing N N 35  
ARG NH2 HH21 sing N N 36  
ARG NH2 HH22 sing N N 37  
ARG OXT HXT  sing N N 38  
ASP N   CA   sing N N 39  
ASP N   H    sing N N 40  
ASP N   H2   sing N N 41  
ASP CA  C    sing N N 42  
ASP CA  CB   sing N N 43  
ASP CA  HA   sing N N 44  
ASP C   O    doub N N 45  
ASP C   OXT  sing N N 46  
ASP CB  CG   sing N N 47  
ASP CB  HB2  sing N N 48  
ASP CB  HB3  sing N N 49  
ASP CG  OD1  doub N N 50  
ASP CG  OD2  sing N N 51  
ASP OD2 HD2  sing N N 52  
ASP OXT HXT  sing N N 53  
GLY N   CA   sing N N 54  
GLY N   H    sing N N 55  
GLY N   H2   sing N N 56  
GLY CA  C    sing N N 57  
GLY CA  HA2  sing N N 58  
GLY CA  HA3  sing N N 59  
GLY C   O    doub N N 60  
GLY C   OXT  sing N N 61  
GLY OXT HXT  sing N N 62  
HIS N   CA   sing N N 63  
HIS N   H    sing N N 64  
HIS N   H2   sing N N 65  
HIS CA  C    sing N N 66  
HIS CA  CB   sing N N 67  
HIS CA  HA   sing N N 68  
HIS C   O    doub N N 69  
HIS C   OXT  sing N N 70  
HIS CB  CG   sing N N 71  
HIS CB  HB2  sing N N 72  
HIS CB  HB3  sing N N 73  
HIS CG  ND1  sing Y N 74  
HIS CG  CD2  doub Y N 75  
HIS ND1 CE1  doub Y N 76  
HIS ND1 HD1  sing N N 77  
HIS CD2 NE2  sing Y N 78  
HIS CD2 HD2  sing N N 79  
HIS CE1 NE2  sing Y N 80  
HIS CE1 HE1  sing N N 81  
HIS NE2 HE2  sing N N 82  
HIS OXT HXT  sing N N 83  
HOH O   H1   sing N N 84  
HOH O   H2   sing N N 85  
ILE N   CA   sing N N 86  
ILE N   H    sing N N 87  
ILE N   H2   sing N N 88  
ILE CA  C    sing N N 89  
ILE CA  CB   sing N N 90  
ILE CA  HA   sing N N 91  
ILE C   O    doub N N 92  
ILE C   OXT  sing N N 93  
ILE CB  CG1  sing N N 94  
ILE CB  CG2  sing N N 95  
ILE CB  HB   sing N N 96  
ILE CG1 CD1  sing N N 97  
ILE CG1 HG12 sing N N 98  
ILE CG1 HG13 sing N N 99  
ILE CG2 HG21 sing N N 100 
ILE CG2 HG22 sing N N 101 
ILE CG2 HG23 sing N N 102 
ILE CD1 HD11 sing N N 103 
ILE CD1 HD12 sing N N 104 
ILE CD1 HD13 sing N N 105 
ILE OXT HXT  sing N N 106 
LEU N   CA   sing N N 107 
LEU N   H    sing N N 108 
LEU N   H2   sing N N 109 
LEU CA  C    sing N N 110 
LEU CA  CB   sing N N 111 
LEU CA  HA   sing N N 112 
LEU C   O    doub N N 113 
LEU C   OXT  sing N N 114 
LEU CB  CG   sing N N 115 
LEU CB  HB2  sing N N 116 
LEU CB  HB3  sing N N 117 
LEU CG  CD1  sing N N 118 
LEU CG  CD2  sing N N 119 
LEU CG  HG   sing N N 120 
LEU CD1 HD11 sing N N 121 
LEU CD1 HD12 sing N N 122 
LEU CD1 HD13 sing N N 123 
LEU CD2 HD21 sing N N 124 
LEU CD2 HD22 sing N N 125 
LEU CD2 HD23 sing N N 126 
LEU OXT HXT  sing N N 127 
NH2 N   HN1  sing N N 128 
NH2 N   HN2  sing N N 129 
PEG C1  O1   sing N N 130 
PEG C1  C2   sing N N 131 
PEG C1  H11  sing N N 132 
PEG C1  H12  sing N N 133 
PEG O1  HO1  sing N N 134 
PEG C2  O2   sing N N 135 
PEG C2  H21  sing N N 136 
PEG C2  H22  sing N N 137 
PEG O2  C3   sing N N 138 
PEG C3  C4   sing N N 139 
PEG C3  H31  sing N N 140 
PEG C3  H32  sing N N 141 
PEG C4  O4   sing N N 142 
PEG C4  H41  sing N N 143 
PEG C4  H42  sing N N 144 
PEG O4  HO4  sing N N 145 
PRO N   CA   sing N N 146 
PRO N   CD   sing N N 147 
PRO N   H    sing N N 148 
PRO CA  C    sing N N 149 
PRO CA  CB   sing N N 150 
PRO CA  HA   sing N N 151 
PRO C   O    doub N N 152 
PRO C   OXT  sing N N 153 
PRO CB  CG   sing N N 154 
PRO CB  HB2  sing N N 155 
PRO CB  HB3  sing N N 156 
PRO CG  CD   sing N N 157 
PRO CG  HG2  sing N N 158 
PRO CG  HG3  sing N N 159 
PRO CD  HD2  sing N N 160 
PRO CD  HD3  sing N N 161 
PRO OXT HXT  sing N N 162 
SER N   CA   sing N N 163 
SER N   H    sing N N 164 
SER N   H2   sing N N 165 
SER CA  C    sing N N 166 
SER CA  CB   sing N N 167 
SER CA  HA   sing N N 168 
SER C   O    doub N N 169 
SER C   OXT  sing N N 170 
SER CB  OG   sing N N 171 
SER CB  HB2  sing N N 172 
SER CB  HB3  sing N N 173 
SER OG  HG   sing N N 174 
SER OXT HXT  sing N N 175 
TRP N   CA   sing N N 176 
TRP N   H    sing N N 177 
TRP N   H2   sing N N 178 
TRP CA  C    sing N N 179 
TRP CA  CB   sing N N 180 
TRP CA  HA   sing N N 181 
TRP C   O    doub N N 182 
TRP C   OXT  sing N N 183 
TRP CB  CG   sing N N 184 
TRP CB  HB2  sing N N 185 
TRP CB  HB3  sing N N 186 
TRP CG  CD1  doub Y N 187 
TRP CG  CD2  sing Y N 188 
TRP CD1 NE1  sing Y N 189 
TRP CD1 HD1  sing N N 190 
TRP CD2 CE2  doub Y N 191 
TRP CD2 CE3  sing Y N 192 
TRP NE1 CE2  sing Y N 193 
TRP NE1 HE1  sing N N 194 
TRP CE2 CZ2  sing Y N 195 
TRP CE3 CZ3  doub Y N 196 
TRP CE3 HE3  sing N N 197 
TRP CZ2 CH2  doub Y N 198 
TRP CZ2 HZ2  sing N N 199 
TRP CZ3 CH2  sing Y N 200 
TRP CZ3 HZ3  sing N N 201 
TRP CH2 HH2  sing N N 202 
TRP OXT HXT  sing N N 203 
VAL N   CA   sing N N 204 
VAL N   H    sing N N 205 
VAL N   H2   sing N N 206 
VAL CA  C    sing N N 207 
VAL CA  CB   sing N N 208 
VAL CA  HA   sing N N 209 
VAL C   O    doub N N 210 
VAL C   OXT  sing N N 211 
VAL CB  CG1  sing N N 212 
VAL CB  CG2  sing N N 213 
VAL CB  HB   sing N N 214 
VAL CG1 HG11 sing N N 215 
VAL CG1 HG12 sing N N 216 
VAL CG1 HG13 sing N N 217 
VAL CG2 HG21 sing N N 218 
VAL CG2 HG22 sing N N 219 
VAL CG2 HG23 sing N N 220 
VAL OXT HXT  sing N N 221 
XYL C1  C2   sing N N 222 
XYL C1  O1   sing N N 223 
XYL C1  H11  sing N N 224 
XYL C1  H12  sing N N 225 
XYL C2  C3   sing N N 226 
XYL C2  O2   sing N N 227 
XYL C2  H2   sing N N 228 
XYL C3  C4   sing N N 229 
XYL C3  O3   sing N N 230 
XYL C3  H3   sing N N 231 
XYL C4  C5   sing N N 232 
XYL C4  O4   sing N N 233 
XYL C4  H4   sing N N 234 
XYL C5  O5   sing N N 235 
XYL C5  H51  sing N N 236 
XYL C5  H52  sing N N 237 
XYL O1  HO1  sing N N 238 
XYL O2  HO2  sing N N 239 
XYL O3  HO3  sing N N 240 
XYL O4  HO4  sing N N 241 
XYL O5  HO5  sing N N 242 
Z82 C1  C7   sing N N 243 
Z82 O1  C7   doub N N 244 
Z82 C2  C1   doub Y N 245 
Z82 C2  H2   sing N N 246 
Z82 C3  C2   sing Y N 247 
Z82 C3  H3   sing N N 248 
Z82 C4  C3   doub Y N 249 
Z82 C4  C5   sing Y N 250 
Z82 BR4 C4   sing N N 251 
Z82 C5  C6   doub Y N 252 
Z82 C5  H5   sing N N 253 
Z82 C6  C1   sing Y N 254 
Z82 C6  H6   sing N N 255 
Z82 C7  O2   sing N N 256 
Z82 O2  H51  sing N N 257 
# 
loop_
_pdbx_entity_nonpoly.entity_id 
_pdbx_entity_nonpoly.name 
_pdbx_entity_nonpoly.comp_id 
2 '4-bromobenzoic acid'   Z82 
3 'DI(HYDROXYETHYL)ETHER' PEG 
4 Xylitol                 XYL 
5 water                   HOH 
# 
_pdbx_initial_refinement_model.id               1 
_pdbx_initial_refinement_model.entity_id_list   ? 
_pdbx_initial_refinement_model.type             'experimental model' 
_pdbx_initial_refinement_model.source_name      PDB 
_pdbx_initial_refinement_model.accession_code   3BKD 
_pdbx_initial_refinement_model.details          '3BKD, chain A' 
# 
